data_4TKN
#
_entry.id   4TKN
#
_cell.length_a   117.924
_cell.length_b   191.202
_cell.length_c   46.593
_cell.angle_alpha   90.000
_cell.angle_beta   110.250
_cell.angle_gamma   90.000
#
_symmetry.space_group_name_H-M   'C 1 2 1'
#
loop_
_entity.id
_entity.type
_entity.pdbx_description
1 polymer 'Sorting nexin-17'
2 polymer 'Krev interaction trapped protein 1'
3 water water
#
loop_
_entity_poly.entity_id
_entity_poly.type
_entity_poly.pdbx_seq_one_letter_code
_entity_poly.pdbx_strand_id
1 'polypeptide(L)'
;GSETQQVPTEEVSLEVLLSNGQKVLVNVLTSDQTEDVLEAVAAKLDLPDDLIGYFSLFLVREKEDGAFSFVRKLQEFELP
YVSVTSLRSQEYKIVLRKSYWDSAYDDDVMENRVGLNLLYAQTVSDIERGWILVTKEQHRQLKSLQEKVSKKEFLRLAQT
LRHYGYLRFDACVADFPEKDCPVVVSAGNSELSLQLRLPGQQLREGSFRVTRMRCWRVTSSVPLPSGSTSSPGRGRGEVR
LELAFEYLMSKDRLQWVTITSPQAIMMSICLQSMVDELMVKKSGGS
;
A,B,C
2 'polypeptide(L)' GPLGSPADTCIYNPLFGSD D,E,F
#
# COMPACT_ATOMS: atom_id res chain seq x y z
N PRO A 8 16.91 -35.74 -20.43
CA PRO A 8 16.43 -36.07 -21.76
C PRO A 8 15.03 -36.67 -21.68
N THR A 9 14.13 -36.27 -22.58
CA THR A 9 12.76 -36.78 -22.48
C THR A 9 12.67 -38.23 -22.94
N GLU A 10 12.11 -39.07 -22.08
CA GLU A 10 12.00 -40.50 -22.30
C GLU A 10 10.86 -40.99 -21.41
N GLU A 11 10.13 -42.00 -21.88
CA GLU A 11 9.00 -42.58 -21.15
C GLU A 11 9.33 -43.68 -20.14
N VAL A 12 8.78 -43.55 -18.93
CA VAL A 12 9.06 -44.49 -17.86
C VAL A 12 7.77 -44.90 -17.16
N SER A 13 7.87 -45.96 -16.39
CA SER A 13 6.81 -46.47 -15.55
C SER A 13 7.11 -46.00 -14.12
N LEU A 14 6.11 -45.43 -13.46
CA LEU A 14 6.26 -44.93 -12.11
C LEU A 14 5.30 -45.56 -11.14
N GLU A 15 5.85 -46.06 -10.03
CA GLU A 15 5.04 -46.60 -8.95
C GLU A 15 4.69 -45.48 -7.99
N VAL A 16 3.40 -45.31 -7.74
CA VAL A 16 2.91 -44.40 -6.74
C VAL A 16 2.14 -45.26 -5.74
N LEU A 17 2.39 -45.12 -4.45
CA LEU A 17 1.65 -46.03 -3.59
C LEU A 17 0.44 -45.30 -3.03
N LEU A 18 -0.66 -46.04 -2.87
CA LEU A 18 -1.76 -45.61 -2.03
C LEU A 18 -1.51 -45.93 -0.56
N SER A 19 -2.35 -45.38 0.30
CA SER A 19 -2.20 -45.55 1.75
C SER A 19 -2.21 -47.02 2.23
N ASN A 20 -2.88 -47.89 1.50
CA ASN A 20 -2.98 -49.28 1.93
C ASN A 20 -1.91 -50.17 1.34
N GLY A 21 -1.02 -49.54 0.59
CA GLY A 21 0.11 -50.18 -0.04
C GLY A 21 -0.17 -50.69 -1.43
N GLN A 22 -1.41 -50.55 -1.89
CA GLN A 22 -1.69 -50.95 -3.26
C GLN A 22 -0.88 -50.05 -4.19
N LYS A 23 -0.27 -50.65 -5.19
CA LYS A 23 0.63 -49.95 -6.09
C LYS A 23 -0.15 -49.45 -7.30
N VAL A 24 0.06 -48.18 -7.66
CA VAL A 24 -0.52 -47.64 -8.88
C VAL A 24 0.59 -47.20 -9.82
N LEU A 25 0.65 -47.89 -10.95
CA LEU A 25 1.66 -47.72 -11.99
C LEU A 25 1.18 -46.81 -13.12
N VAL A 26 1.94 -45.76 -13.41
CA VAL A 26 1.58 -44.82 -14.49
C VAL A 26 2.72 -44.64 -15.50
N ASN A 27 2.36 -44.40 -16.76
CA ASN A 27 3.36 -44.06 -17.75
C ASN A 27 3.54 -42.56 -17.95
N VAL A 28 4.76 -42.08 -17.70
CA VAL A 28 5.06 -40.65 -17.79
C VAL A 28 6.39 -40.39 -18.48
N LEU A 29 6.74 -39.13 -18.65
CA LEU A 29 8.03 -38.75 -19.20
C LEU A 29 8.99 -38.42 -18.05
N THR A 30 10.28 -38.68 -18.23
CA THR A 30 11.29 -38.28 -17.24
C THR A 30 11.21 -36.78 -16.99
N SER A 31 10.81 -36.03 -18.01
CA SER A 31 10.78 -34.58 -17.91
C SER A 31 9.39 -34.07 -17.49
N ASP A 32 8.49 -34.99 -17.17
CA ASP A 32 7.17 -34.62 -16.65
C ASP A 32 7.36 -34.05 -15.25
N GLN A 33 6.65 -32.96 -14.95
CA GLN A 33 6.72 -32.39 -13.63
C GLN A 33 5.67 -32.96 -12.69
N THR A 34 5.74 -32.54 -11.42
CA THR A 34 4.90 -33.09 -10.37
C THR A 34 3.43 -33.11 -10.76
N GLU A 35 2.94 -31.99 -11.28
CA GLU A 35 1.54 -31.87 -11.62
C GLU A 35 1.15 -32.82 -12.74
N ASP A 36 2.07 -33.00 -13.70
CA ASP A 36 1.85 -33.92 -14.80
C ASP A 36 1.71 -35.36 -14.32
N VAL A 37 2.60 -35.76 -13.42
CA VAL A 37 2.57 -37.12 -12.87
C VAL A 37 1.31 -37.33 -12.05
N LEU A 38 0.98 -36.32 -11.25
CA LEU A 38 -0.21 -36.34 -10.43
C LEU A 38 -1.45 -36.54 -11.29
N GLU A 39 -1.50 -35.80 -12.39
CA GLU A 39 -2.60 -35.91 -13.33
C GLU A 39 -2.66 -37.30 -13.96
N ALA A 40 -1.49 -37.88 -14.21
CA ALA A 40 -1.43 -39.22 -14.78
C ALA A 40 -1.97 -40.27 -13.81
N VAL A 41 -1.61 -40.14 -12.54
CA VAL A 41 -2.11 -41.03 -11.50
C VAL A 41 -3.63 -40.90 -11.37
N ALA A 42 -4.09 -39.66 -11.31
CA ALA A 42 -5.51 -39.39 -11.16
C ALA A 42 -6.29 -39.97 -12.33
N ALA A 43 -5.74 -39.81 -13.52
CA ALA A 43 -6.31 -40.40 -14.72
C ALA A 43 -6.40 -41.92 -14.62
N LYS A 44 -5.30 -42.54 -14.17
CA LYS A 44 -5.21 -43.98 -14.02
C LYS A 44 -6.23 -44.52 -13.01
N LEU A 45 -6.52 -43.75 -11.97
CA LEU A 45 -7.46 -44.19 -10.93
C LEU A 45 -8.90 -43.84 -11.26
N ASP A 46 -9.10 -43.06 -12.32
CA ASP A 46 -10.41 -42.53 -12.66
C ASP A 46 -10.94 -41.55 -11.61
N LEU A 47 -10.02 -40.77 -11.04
CA LEU A 47 -10.35 -39.67 -10.15
C LEU A 47 -10.73 -38.43 -10.95
N PRO A 48 -11.88 -37.83 -10.61
CA PRO A 48 -12.32 -36.63 -11.34
C PRO A 48 -11.30 -35.51 -11.24
N ASP A 49 -11.22 -34.73 -12.31
CA ASP A 49 -10.32 -33.61 -12.42
C ASP A 49 -10.51 -32.60 -11.27
N ASP A 50 -11.77 -32.41 -10.90
CA ASP A 50 -12.15 -31.40 -9.91
C ASP A 50 -11.75 -31.76 -8.47
N LEU A 51 -11.16 -32.93 -8.31
CA LEU A 51 -10.65 -33.36 -7.02
C LEU A 51 -9.12 -33.38 -6.98
N ILE A 52 -8.47 -33.11 -8.11
CA ILE A 52 -7.01 -33.19 -8.13
C ILE A 52 -6.38 -32.24 -7.10
N GLY A 53 -6.99 -31.07 -6.93
CA GLY A 53 -6.46 -30.08 -6.02
C GLY A 53 -6.55 -30.50 -4.56
N TYR A 54 -7.31 -31.57 -4.30
CA TYR A 54 -7.46 -32.06 -2.93
C TYR A 54 -6.37 -33.05 -2.52
N PHE A 55 -5.54 -33.44 -3.47
CA PHE A 55 -4.51 -34.45 -3.22
C PHE A 55 -3.15 -33.99 -3.70
N SER A 56 -2.11 -34.54 -3.09
CA SER A 56 -0.74 -34.24 -3.50
C SER A 56 0.08 -35.51 -3.50
N LEU A 57 1.26 -35.40 -4.08
CA LEU A 57 2.23 -36.48 -4.07
C LEU A 57 3.27 -36.14 -3.04
N PHE A 58 3.69 -37.13 -2.28
CA PHE A 58 4.69 -36.91 -1.26
C PHE A 58 5.82 -37.91 -1.47
N LEU A 59 7.04 -37.46 -1.20
CA LEU A 59 8.16 -38.35 -1.12
C LEU A 59 8.25 -38.83 0.31
N VAL A 60 8.31 -40.15 0.47
CA VAL A 60 8.44 -40.75 1.79
C VAL A 60 9.54 -41.80 1.79
N ARG A 61 10.07 -42.12 2.97
CA ARG A 61 10.94 -43.26 3.17
C ARG A 61 10.22 -44.42 3.81
N GLU A 62 10.23 -45.60 3.20
CA GLU A 62 9.60 -46.73 3.85
C GLU A 62 10.54 -47.48 4.79
N LYS A 63 10.14 -47.62 6.06
CA LYS A 63 10.95 -48.31 7.05
C LYS A 63 10.71 -49.81 6.96
N GLU A 64 11.54 -50.59 7.65
CA GLU A 64 11.44 -52.05 7.63
C GLU A 64 10.02 -52.54 7.92
N ASP A 65 9.35 -51.91 8.88
CA ASP A 65 8.01 -52.37 9.25
C ASP A 65 6.89 -51.93 8.30
N GLY A 66 7.24 -51.22 7.24
CA GLY A 66 6.26 -50.84 6.24
C GLY A 66 5.61 -49.48 6.47
N ALA A 67 5.92 -48.87 7.61
CA ALA A 67 5.45 -47.53 7.94
C ALA A 67 6.16 -46.47 7.11
N PHE A 68 5.50 -45.33 6.96
CA PHE A 68 6.01 -44.26 6.12
C PHE A 68 6.48 -43.10 6.98
N SER A 69 7.71 -42.65 6.69
CA SER A 69 8.23 -41.42 7.25
C SER A 69 8.11 -40.37 6.15
N PHE A 70 7.32 -39.33 6.37
CA PHE A 70 7.08 -38.39 5.29
C PHE A 70 8.31 -37.49 5.11
N VAL A 71 8.86 -37.41 3.90
CA VAL A 71 10.05 -36.60 3.69
C VAL A 71 9.70 -35.21 3.20
N ARG A 72 8.91 -35.13 2.14
CA ARG A 72 8.46 -33.82 1.66
C ARG A 72 7.26 -33.89 0.72
N LYS A 73 6.57 -32.76 0.56
CA LYS A 73 5.58 -32.64 -0.49
C LYS A 73 6.31 -32.22 -1.75
N LEU A 74 6.02 -32.88 -2.86
CA LEU A 74 6.68 -32.57 -4.12
C LEU A 74 6.18 -31.22 -4.63
N GLN A 75 7.11 -30.33 -4.98
CA GLN A 75 6.72 -29.00 -5.42
C GLN A 75 6.44 -28.97 -6.93
N GLU A 76 5.83 -27.89 -7.40
CA GLU A 76 5.39 -27.75 -8.79
C GLU A 76 6.47 -27.91 -9.86
N PHE A 77 7.67 -27.43 -9.54
CA PHE A 77 8.78 -27.41 -10.51
C PHE A 77 9.53 -28.74 -10.60
N GLU A 78 9.25 -29.65 -9.69
CA GLU A 78 10.00 -30.90 -9.59
C GLU A 78 9.68 -31.94 -10.65
N LEU A 79 10.66 -32.79 -10.93
CA LEU A 79 10.51 -33.94 -11.80
C LEU A 79 10.55 -35.18 -10.93
N PRO A 80 9.38 -35.75 -10.62
CA PRO A 80 9.29 -36.83 -9.62
C PRO A 80 10.22 -38.02 -9.90
N TYR A 81 10.33 -38.47 -11.15
CA TYR A 81 11.24 -39.55 -11.47
C TYR A 81 12.66 -39.22 -11.06
N VAL A 82 13.09 -38.01 -11.43
CA VAL A 82 14.40 -37.54 -11.06
C VAL A 82 14.49 -37.37 -9.55
N SER A 83 13.47 -36.72 -8.99
CA SER A 83 13.42 -36.52 -7.55
C SER A 83 13.71 -37.79 -6.77
N VAL A 84 13.08 -38.89 -7.15
CA VAL A 84 13.27 -40.13 -6.39
C VAL A 84 14.50 -40.95 -6.80
N THR A 85 14.76 -41.05 -8.09
CA THR A 85 15.89 -41.85 -8.56
C THR A 85 17.24 -41.24 -8.16
N SER A 86 17.29 -39.91 -8.16
CA SER A 86 18.52 -39.17 -7.87
C SER A 86 18.96 -39.33 -6.41
N LEU A 87 18.04 -39.83 -5.60
CA LEU A 87 18.27 -40.06 -4.17
C LEU A 87 19.06 -41.33 -3.99
N ARG A 88 19.06 -42.13 -5.06
CA ARG A 88 19.77 -43.39 -5.09
C ARG A 88 19.44 -44.30 -3.92
N SER A 89 18.14 -44.44 -3.65
CA SER A 89 17.70 -45.36 -2.62
C SER A 89 16.30 -45.86 -2.93
N GLN A 90 16.15 -47.18 -2.89
CA GLN A 90 14.89 -47.82 -3.22
C GLN A 90 13.85 -47.71 -2.11
N GLU A 91 14.29 -47.16 -0.97
CA GLU A 91 13.44 -46.99 0.20
C GLU A 91 12.48 -45.83 0.02
N TYR A 92 12.79 -44.96 -0.90
CA TYR A 92 11.94 -43.81 -1.13
C TYR A 92 10.86 -44.08 -2.16
N LYS A 93 9.67 -43.60 -1.86
CA LYS A 93 8.51 -43.92 -2.65
C LYS A 93 7.75 -42.63 -2.82
N ILE A 94 6.92 -42.59 -3.86
CA ILE A 94 5.97 -41.52 -4.05
C ILE A 94 4.64 -42.03 -3.57
N VAL A 95 3.97 -41.21 -2.78
CA VAL A 95 2.70 -41.55 -2.15
C VAL A 95 1.65 -40.54 -2.56
N LEU A 96 0.44 -41.00 -2.81
CA LEU A 96 -0.64 -40.08 -3.07
C LEU A 96 -1.42 -39.92 -1.77
N ARG A 97 -1.68 -38.68 -1.36
CA ARG A 97 -2.41 -38.50 -0.11
C ARG A 97 -3.20 -37.20 -0.15
N LYS A 98 -4.27 -37.12 0.63
CA LYS A 98 -5.04 -35.88 0.71
C LYS A 98 -4.12 -34.80 1.24
N SER A 99 -4.31 -33.57 0.78
CA SER A 99 -3.38 -32.51 1.10
C SER A 99 -4.01 -31.26 1.69
N TYR A 100 -5.21 -31.41 2.22
CA TYR A 100 -5.86 -30.32 2.94
C TYR A 100 -5.94 -30.65 4.42
N TRP A 101 -6.32 -29.66 5.22
CA TRP A 101 -6.28 -29.83 6.66
C TRP A 101 -7.68 -29.85 7.27
N ASP A 102 -8.54 -28.94 6.82
CA ASP A 102 -9.87 -28.86 7.41
C ASP A 102 -10.65 -30.05 6.89
N SER A 103 -11.14 -30.85 7.83
CA SER A 103 -11.87 -32.05 7.49
C SER A 103 -13.19 -31.73 6.80
N ALA A 104 -13.58 -30.46 6.80
CA ALA A 104 -14.77 -30.01 6.06
C ALA A 104 -14.64 -30.35 4.57
N TYR A 105 -13.41 -30.32 4.06
CA TYR A 105 -13.18 -30.63 2.66
C TYR A 105 -13.44 -32.09 2.34
N ASP A 106 -13.45 -32.92 3.39
CA ASP A 106 -13.82 -34.32 3.20
C ASP A 106 -15.18 -34.38 2.53
N ASP A 107 -16.03 -33.40 2.81
CA ASP A 107 -17.38 -33.40 2.24
C ASP A 107 -17.33 -33.38 0.73
N ASP A 108 -16.42 -32.60 0.17
CA ASP A 108 -16.31 -32.55 -1.28
C ASP A 108 -15.80 -33.88 -1.82
N VAL A 109 -14.79 -34.41 -1.14
CA VAL A 109 -14.15 -35.63 -1.60
C VAL A 109 -15.09 -36.81 -1.50
N MET A 110 -15.91 -36.85 -0.46
CA MET A 110 -16.74 -38.01 -0.28
C MET A 110 -17.90 -38.02 -1.27
N GLU A 111 -18.09 -36.94 -2.03
CA GLU A 111 -19.16 -36.97 -3.02
C GLU A 111 -18.79 -37.90 -4.19
N ASN A 112 -17.50 -38.19 -4.32
CA ASN A 112 -17.04 -39.07 -5.38
C ASN A 112 -16.56 -40.41 -4.85
N ARG A 113 -16.91 -41.48 -5.56
CA ARG A 113 -16.61 -42.85 -5.14
C ARG A 113 -15.11 -43.13 -5.00
N VAL A 114 -14.33 -42.66 -5.96
CA VAL A 114 -12.88 -42.87 -5.97
C VAL A 114 -12.19 -42.04 -4.89
N GLY A 115 -12.65 -40.80 -4.76
CA GLY A 115 -12.20 -39.90 -3.72
C GLY A 115 -12.47 -40.49 -2.35
N LEU A 116 -13.69 -40.97 -2.18
CA LEU A 116 -14.12 -41.60 -0.94
C LEU A 116 -13.26 -42.83 -0.63
N ASN A 117 -13.00 -43.65 -1.65
CA ASN A 117 -12.13 -44.80 -1.47
C ASN A 117 -10.73 -44.39 -0.99
N LEU A 118 -10.21 -43.30 -1.55
CA LEU A 118 -8.88 -42.83 -1.16
C LEU A 118 -8.85 -42.35 0.29
N LEU A 119 -9.86 -41.57 0.66
CA LEU A 119 -9.99 -41.05 2.01
C LEU A 119 -10.16 -42.19 3.01
N TYR A 120 -10.93 -43.19 2.62
CA TYR A 120 -11.19 -44.35 3.43
C TYR A 120 -9.91 -45.12 3.68
N ALA A 121 -9.19 -45.38 2.60
CA ALA A 121 -7.94 -46.11 2.66
C ALA A 121 -6.97 -45.43 3.62
N GLN A 122 -6.83 -44.11 3.48
CA GLN A 122 -5.84 -43.43 4.29
C GLN A 122 -6.29 -43.29 5.75
N THR A 123 -7.60 -43.24 5.98
CA THR A 123 -8.07 -43.18 7.35
C THR A 123 -7.83 -44.51 8.06
N VAL A 124 -8.13 -45.58 7.34
CA VAL A 124 -7.87 -46.93 7.82
C VAL A 124 -6.40 -47.13 8.15
N SER A 125 -5.54 -46.67 7.26
CA SER A 125 -4.12 -46.80 7.54
C SER A 125 -3.69 -45.92 8.71
N ASP A 126 -4.28 -44.74 8.83
CA ASP A 126 -3.97 -43.85 9.96
C ASP A 126 -4.31 -44.49 11.30
N ILE A 127 -5.44 -45.21 11.36
CA ILE A 127 -5.82 -45.91 12.58
C ILE A 127 -4.89 -47.09 12.85
N GLU A 128 -4.64 -47.88 11.79
CA GLU A 128 -3.81 -49.06 11.84
C GLU A 128 -2.39 -48.77 12.33
N ARG A 129 -1.86 -47.61 11.96
CA ARG A 129 -0.50 -47.24 12.33
C ARG A 129 -0.48 -46.51 13.67
N GLY A 130 -1.64 -46.37 14.29
CA GLY A 130 -1.71 -45.75 15.61
C GLY A 130 -1.65 -44.25 15.65
N TRP A 131 -1.86 -43.63 14.51
CA TRP A 131 -1.92 -42.18 14.46
C TRP A 131 -3.20 -41.67 15.11
N ILE A 132 -4.30 -42.39 14.86
CA ILE A 132 -5.55 -42.13 15.55
C ILE A 132 -5.81 -42.99 16.79
N LEU A 133 -6.19 -42.28 17.85
CA LEU A 133 -6.38 -42.72 19.24
C LEU A 133 -7.85 -43.03 19.45
N VAL A 134 -8.22 -44.28 19.66
CA VAL A 134 -9.64 -44.53 19.94
C VAL A 134 -9.95 -45.31 21.19
N THR A 135 -11.22 -45.23 21.60
CA THR A 135 -11.66 -45.98 22.75
C THR A 135 -12.03 -47.40 22.36
N LYS A 136 -12.18 -48.26 23.35
CA LYS A 136 -12.57 -49.64 23.12
C LYS A 136 -13.88 -49.80 22.34
N GLU A 137 -14.87 -49.00 22.70
CA GLU A 137 -16.16 -49.06 22.02
C GLU A 137 -16.02 -48.58 20.58
N GLN A 138 -15.41 -47.41 20.40
CA GLN A 138 -15.17 -46.90 19.06
C GLN A 138 -14.41 -47.95 18.26
N HIS A 139 -13.37 -48.56 18.84
CA HIS A 139 -12.64 -49.58 18.10
C HIS A 139 -13.57 -50.72 17.67
N ARG A 140 -14.51 -51.08 18.53
CA ARG A 140 -15.47 -52.10 18.17
C ARG A 140 -16.31 -51.67 16.96
N GLN A 141 -16.89 -50.47 17.04
CA GLN A 141 -17.72 -49.97 15.94
C GLN A 141 -16.94 -49.87 14.65
N LEU A 142 -15.76 -49.28 14.73
CA LEU A 142 -14.93 -49.03 13.57
C LEU A 142 -14.67 -50.36 12.88
N LYS A 143 -14.21 -51.32 13.69
CA LYS A 143 -13.92 -52.66 13.23
C LYS A 143 -15.16 -53.32 12.62
N SER A 144 -16.34 -52.90 13.06
CA SER A 144 -17.56 -53.40 12.45
C SER A 144 -17.83 -52.81 11.08
N LEU A 145 -17.83 -51.48 10.97
CA LEU A 145 -18.04 -50.84 9.67
C LEU A 145 -17.03 -51.34 8.63
N GLN A 146 -15.80 -51.59 9.06
CA GLN A 146 -14.75 -52.12 8.17
C GLN A 146 -15.21 -53.39 7.45
N GLU A 147 -15.88 -54.27 8.19
CA GLU A 147 -16.44 -55.52 7.69
C GLU A 147 -17.70 -55.20 6.89
N LYS A 148 -18.37 -54.11 7.25
CA LYS A 148 -19.71 -53.81 6.78
C LYS A 148 -19.56 -52.88 5.56
N VAL A 149 -18.39 -52.26 5.47
CA VAL A 149 -17.96 -51.31 4.43
C VAL A 149 -18.92 -50.22 3.96
N SER A 150 -19.68 -49.66 4.90
CA SER A 150 -20.57 -48.55 4.56
C SER A 150 -19.74 -47.35 4.11
N LYS A 151 -18.61 -47.19 4.79
CA LYS A 151 -17.55 -46.20 4.54
C LYS A 151 -17.99 -44.76 4.75
N LYS A 152 -19.20 -44.38 4.35
CA LYS A 152 -19.60 -43.01 4.61
C LYS A 152 -19.69 -42.86 6.12
N GLU A 153 -20.39 -43.81 6.72
CA GLU A 153 -20.59 -43.86 8.17
C GLU A 153 -19.28 -44.07 8.90
N PHE A 154 -18.40 -44.88 8.29
CA PHE A 154 -17.09 -45.13 8.85
C PHE A 154 -16.29 -43.85 8.91
N LEU A 155 -16.33 -43.09 7.81
CA LEU A 155 -15.61 -41.82 7.75
C LEU A 155 -16.19 -40.80 8.70
N ARG A 156 -17.52 -40.75 8.77
CA ARG A 156 -18.22 -39.83 9.66
C ARG A 156 -17.84 -40.10 11.10
N LEU A 157 -17.69 -41.37 11.43
CA LEU A 157 -17.19 -41.73 12.75
C LEU A 157 -15.75 -41.30 12.92
N ALA A 158 -14.92 -41.62 11.93
CA ALA A 158 -13.50 -41.30 12.01
C ALA A 158 -13.22 -39.81 12.23
N GLN A 159 -14.05 -38.97 11.62
CA GLN A 159 -13.90 -37.53 11.71
C GLN A 159 -13.96 -37.00 13.15
N THR A 160 -14.57 -37.79 14.02
CA THR A 160 -14.74 -37.40 15.41
C THR A 160 -13.63 -37.93 16.31
N LEU A 161 -12.72 -38.68 15.74
CA LEU A 161 -11.66 -39.33 16.51
C LEU A 161 -10.51 -38.38 16.81
N ARG A 162 -9.81 -38.60 17.92
CA ARG A 162 -8.70 -37.74 18.30
C ARG A 162 -7.61 -37.74 17.24
N HIS A 163 -7.24 -36.55 16.80
CA HIS A 163 -6.20 -36.38 15.79
C HIS A 163 -6.57 -36.90 14.41
N TYR A 164 -7.86 -37.05 14.16
CA TYR A 164 -8.28 -37.24 12.79
C TYR A 164 -7.77 -36.03 12.01
N GLY A 165 -7.12 -36.31 10.88
CA GLY A 165 -6.65 -35.24 10.01
C GLY A 165 -5.27 -34.71 10.40
N TYR A 166 -4.64 -35.35 11.38
CA TYR A 166 -3.31 -34.93 11.81
C TYR A 166 -2.24 -35.78 11.15
N LEU A 167 -1.05 -35.22 11.01
CA LEU A 167 0.11 -35.99 10.55
C LEU A 167 1.08 -36.23 11.69
N ARG A 168 1.39 -37.49 11.92
CA ARG A 168 2.29 -37.84 13.01
C ARG A 168 3.70 -37.97 12.46
N PHE A 169 4.68 -37.51 13.23
CA PHE A 169 6.06 -37.61 12.79
C PHE A 169 6.76 -38.64 13.65
N ASP A 170 7.87 -39.14 13.14
CA ASP A 170 8.71 -40.06 13.89
C ASP A 170 9.16 -39.39 15.17
N ALA A 171 9.31 -40.19 16.22
CA ALA A 171 9.82 -39.70 17.49
C ALA A 171 11.11 -38.94 17.29
N CYS A 172 11.22 -37.80 17.94
CA CYS A 172 12.40 -36.96 17.83
C CYS A 172 12.69 -36.27 19.15
N VAL A 173 13.33 -35.11 19.11
CA VAL A 173 13.60 -34.35 20.33
C VAL A 173 13.30 -32.87 20.16
N ALA A 174 13.09 -32.18 21.28
CA ALA A 174 12.86 -30.75 21.24
C ALA A 174 13.50 -30.12 22.47
N ASP A 175 13.69 -28.81 22.45
CA ASP A 175 14.25 -28.15 23.62
C ASP A 175 13.23 -27.47 24.53
N PHE A 176 11.95 -27.74 24.29
CA PHE A 176 10.88 -27.34 25.20
C PHE A 176 10.22 -28.61 25.78
N PRO A 177 10.06 -28.70 27.11
CA PRO A 177 10.36 -27.73 28.16
C PRO A 177 11.82 -27.81 28.60
N GLU A 178 12.46 -28.94 28.37
CA GLU A 178 13.87 -29.07 28.70
C GLU A 178 14.70 -29.55 27.50
N LYS A 179 16.01 -29.31 27.55
CA LYS A 179 16.92 -29.72 26.50
C LYS A 179 16.86 -31.23 26.22
N ASP A 180 16.93 -31.60 24.95
CA ASP A 180 16.99 -33.00 24.51
C ASP A 180 15.83 -33.83 25.01
N CYS A 181 14.65 -33.23 25.11
CA CYS A 181 13.49 -33.98 25.52
C CYS A 181 12.96 -34.78 24.33
N PRO A 182 12.72 -36.09 24.51
CA PRO A 182 12.07 -36.95 23.51
C PRO A 182 10.62 -36.57 23.30
N VAL A 183 10.19 -36.45 22.04
CA VAL A 183 8.83 -36.01 21.73
C VAL A 183 8.25 -36.72 20.51
N VAL A 184 6.93 -36.75 20.46
CA VAL A 184 6.17 -37.09 19.26
C VAL A 184 5.42 -35.86 18.79
N VAL A 185 5.68 -35.46 17.56
CA VAL A 185 5.06 -34.28 16.97
C VAL A 185 3.92 -34.71 16.06
N SER A 186 2.82 -33.97 16.11
CA SER A 186 1.75 -34.17 15.15
C SER A 186 1.23 -32.84 14.65
N ALA A 187 0.94 -32.74 13.36
CA ALA A 187 0.47 -31.48 12.83
C ALA A 187 -0.96 -31.63 12.34
N GLY A 188 -1.82 -30.68 12.73
CA GLY A 188 -3.18 -30.66 12.25
C GLY A 188 -3.99 -29.61 12.97
N ASN A 189 -5.16 -29.29 12.41
CA ASN A 189 -6.12 -28.38 13.05
C ASN A 189 -5.40 -27.09 13.51
N SER A 190 -4.52 -26.62 12.62
CA SER A 190 -3.77 -25.37 12.81
C SER A 190 -2.88 -25.33 14.05
N GLU A 191 -2.28 -26.46 14.39
CA GLU A 191 -1.36 -26.49 15.53
C GLU A 191 -0.32 -27.57 15.41
N LEU A 192 0.69 -27.50 16.25
CA LEU A 192 1.58 -28.62 16.44
C LEU A 192 1.27 -29.18 17.81
N SER A 193 1.00 -30.49 17.87
CA SER A 193 0.76 -31.18 19.12
C SER A 193 2.07 -31.86 19.46
N LEU A 194 2.54 -31.63 20.69
CA LEU A 194 3.73 -32.26 21.20
C LEU A 194 3.39 -33.16 22.38
N GLN A 195 3.54 -34.46 22.15
CA GLN A 195 3.34 -35.55 23.11
C GLN A 195 4.68 -36.01 23.69
N LEU A 196 4.87 -35.91 24.99
CA LEU A 196 6.20 -36.11 25.58
C LEU A 196 6.56 -37.53 26.00
N ARG A 197 5.66 -38.49 25.77
CA ARG A 197 5.94 -39.93 25.80
C ARG A 197 7.13 -40.41 26.65
N LEU A 203 2.72 -38.90 30.90
CA LEU A 203 2.84 -38.17 29.64
C LEU A 203 2.05 -36.85 29.65
N ARG A 204 2.74 -35.81 29.22
CA ARG A 204 2.32 -34.41 29.20
C ARG A 204 2.20 -33.97 27.74
N GLU A 205 1.37 -32.96 27.48
CA GLU A 205 1.19 -32.54 26.10
C GLU A 205 1.13 -31.02 26.00
N GLY A 206 1.63 -30.57 24.85
CA GLY A 206 1.62 -29.19 24.40
C GLY A 206 0.98 -28.93 23.05
N SER A 207 0.39 -27.75 22.95
CA SER A 207 -0.26 -27.33 21.72
C SER A 207 0.25 -25.98 21.24
N PHE A 208 0.90 -25.94 20.08
CA PHE A 208 1.52 -24.70 19.60
C PHE A 208 0.71 -24.22 18.45
N ARG A 209 -0.04 -23.15 18.69
CA ARG A 209 -0.96 -22.66 17.68
C ARG A 209 -0.13 -22.00 16.60
N VAL A 210 -0.46 -22.32 15.35
CA VAL A 210 0.20 -21.71 14.21
C VAL A 210 0.11 -20.19 14.25
N THR A 211 -1.04 -19.67 14.68
CA THR A 211 -1.26 -18.23 14.74
C THR A 211 -0.39 -17.57 15.81
N ARG A 212 0.20 -18.40 16.68
CA ARG A 212 1.11 -17.88 17.68
C ARG A 212 2.59 -18.08 17.34
N MET A 213 2.87 -18.52 16.13
CA MET A 213 4.25 -18.65 15.63
C MET A 213 4.58 -17.45 14.79
N ARG A 214 5.54 -16.63 15.22
CA ARG A 214 5.89 -15.44 14.48
C ARG A 214 6.59 -15.83 13.19
N CYS A 215 7.44 -16.84 13.28
CA CYS A 215 8.11 -17.38 12.10
C CYS A 215 8.64 -18.80 12.36
N TRP A 216 9.15 -19.44 11.31
CA TRP A 216 9.90 -20.67 11.55
C TRP A 216 11.08 -20.78 10.58
N ARG A 217 12.04 -21.63 10.91
CA ARG A 217 13.28 -21.74 10.16
C ARG A 217 13.73 -23.20 10.13
N VAL A 218 14.21 -23.68 8.99
CA VAL A 218 14.78 -25.02 8.95
C VAL A 218 16.29 -24.81 8.82
N THR A 219 17.02 -25.46 9.71
CA THR A 219 18.47 -25.37 9.85
C THR A 219 19.12 -26.75 9.84
N SER A 220 20.37 -26.78 9.41
CA SER A 220 21.16 -28.01 9.33
C SER A 220 22.52 -27.69 9.92
N SER A 221 23.11 -28.69 10.56
CA SER A 221 24.49 -28.60 10.99
C SER A 221 25.57 -28.64 9.92
N VAL A 222 26.75 -28.24 10.39
CA VAL A 222 28.05 -28.37 9.74
C VAL A 222 29.06 -28.48 10.89
N PRO A 223 30.26 -29.00 10.63
CA PRO A 223 31.27 -29.04 11.69
C PRO A 223 31.76 -27.65 12.10
N VAL A 239 22.25 -35.19 7.62
CA VAL A 239 22.85 -34.95 8.93
C VAL A 239 21.81 -34.58 9.99
N ARG A 240 22.10 -33.56 10.78
CA ARG A 240 21.17 -33.05 11.77
C ARG A 240 20.34 -31.86 11.30
N LEU A 241 19.03 -32.06 11.20
CA LEU A 241 18.12 -31.03 10.70
C LEU A 241 17.28 -30.56 11.87
N GLU A 242 17.02 -29.25 11.92
CA GLU A 242 16.17 -28.67 12.96
C GLU A 242 15.10 -27.76 12.40
N LEU A 243 13.93 -27.78 13.02
CA LEU A 243 12.94 -26.75 12.77
C LEU A 243 12.77 -25.90 14.01
N ALA A 244 12.98 -24.60 13.88
CA ALA A 244 12.82 -23.74 15.02
C ALA A 244 11.75 -22.70 14.71
N PHE A 245 10.84 -22.51 15.64
CA PHE A 245 9.84 -21.48 15.49
C PHE A 245 9.85 -20.52 16.67
N GLU A 246 9.60 -19.25 16.41
CA GLU A 246 9.68 -18.25 17.46
C GLU A 246 8.25 -18.08 17.95
N TYR A 247 7.98 -18.61 19.14
CA TYR A 247 6.63 -18.78 19.63
C TYR A 247 6.29 -17.74 20.69
N LEU A 248 5.09 -17.17 20.57
CA LEU A 248 4.57 -16.23 21.56
C LEU A 248 4.05 -17.06 22.73
N MET A 249 4.92 -17.23 23.73
CA MET A 249 4.65 -18.07 24.89
C MET A 249 3.64 -17.43 25.83
N SER A 250 3.65 -16.10 25.88
CA SER A 250 2.68 -15.32 26.63
C SER A 250 2.79 -13.89 26.13
N LYS A 251 2.02 -12.97 26.71
CA LYS A 251 1.99 -11.61 26.20
C LYS A 251 3.38 -10.98 26.21
N ASP A 252 3.78 -10.43 25.07
CA ASP A 252 5.08 -9.77 24.90
C ASP A 252 6.30 -10.64 25.27
N ARG A 253 6.16 -11.96 25.22
CA ARG A 253 7.28 -12.84 25.52
C ARG A 253 7.45 -13.88 24.43
N LEU A 254 8.46 -13.70 23.59
CA LEU A 254 8.76 -14.65 22.53
C LEU A 254 9.91 -15.57 22.89
N GLN A 255 9.76 -16.86 22.58
CA GLN A 255 10.76 -17.85 22.92
C GLN A 255 10.90 -18.81 21.75
N TRP A 256 12.13 -19.06 21.32
CA TRP A 256 12.37 -20.01 20.25
C TRP A 256 12.25 -21.46 20.73
N VAL A 257 11.49 -22.24 19.98
CA VAL A 257 11.40 -23.67 20.23
C VAL A 257 12.01 -24.45 19.07
N THR A 258 12.90 -25.38 19.39
CA THR A 258 13.63 -26.12 18.36
C THR A 258 13.35 -27.61 18.45
N ILE A 259 12.85 -28.18 17.36
CA ILE A 259 12.63 -29.62 17.27
C ILE A 259 13.69 -30.20 16.34
N THR A 260 14.40 -31.22 16.80
CA THR A 260 15.41 -31.89 15.98
C THR A 260 14.87 -33.18 15.37
N SER A 261 14.68 -33.15 14.06
CA SER A 261 14.00 -34.23 13.35
C SER A 261 14.42 -34.26 11.87
N PRO A 262 14.69 -35.47 11.36
CA PRO A 262 14.99 -35.70 9.95
C PRO A 262 13.81 -35.26 9.06
N GLN A 263 12.65 -35.11 9.68
CA GLN A 263 11.48 -34.65 8.96
C GLN A 263 11.21 -33.17 9.21
N ALA A 264 12.24 -32.43 9.60
CA ALA A 264 12.09 -31.00 9.85
C ALA A 264 11.47 -30.25 8.68
N ILE A 265 11.88 -30.63 7.47
CA ILE A 265 11.38 -29.98 6.26
C ILE A 265 9.91 -30.28 6.04
N MET A 266 9.52 -31.52 6.27
CA MET A 266 8.11 -31.87 6.15
C MET A 266 7.26 -31.10 7.17
N MET A 267 7.78 -30.94 8.39
CA MET A 267 7.09 -30.15 9.41
C MET A 267 6.93 -28.71 8.95
N SER A 268 7.99 -28.14 8.40
CA SER A 268 7.95 -26.78 7.88
C SER A 268 6.93 -26.62 6.75
N ILE A 269 6.91 -27.61 5.87
CA ILE A 269 5.98 -27.62 4.76
C ILE A 269 4.56 -27.64 5.32
N CYS A 270 4.36 -28.41 6.37
CA CYS A 270 3.05 -28.48 7.02
C CYS A 270 2.65 -27.18 7.66
N LEU A 271 3.59 -26.51 8.31
CA LEU A 271 3.30 -25.21 8.90
C LEU A 271 2.85 -24.22 7.82
N GLN A 272 3.60 -24.21 6.73
CA GLN A 272 3.29 -23.34 5.61
C GLN A 272 1.93 -23.66 5.02
N SER A 273 1.66 -24.96 4.89
CA SER A 273 0.43 -25.47 4.29
C SER A 273 -0.79 -25.09 5.12
N MET A 274 -0.65 -25.21 6.43
CA MET A 274 -1.71 -24.86 7.36
C MET A 274 -1.97 -23.36 7.32
N VAL A 275 -0.89 -22.59 7.23
CA VAL A 275 -1.03 -21.14 7.15
C VAL A 275 -1.75 -20.76 5.87
N ASP A 276 -1.34 -21.39 4.77
CA ASP A 276 -1.93 -21.18 3.47
C ASP A 276 -3.43 -21.46 3.49
N GLU A 277 -3.80 -22.59 4.10
CA GLU A 277 -5.19 -23.00 4.15
C GLU A 277 -5.99 -21.98 4.94
N LEU A 278 -5.39 -21.50 6.04
CA LEU A 278 -5.96 -20.43 6.83
C LEU A 278 -6.14 -19.14 6.00
N MET A 279 -5.18 -18.80 5.13
CA MET A 279 -5.30 -17.58 4.31
C MET A 279 -6.44 -17.71 3.33
N VAL A 280 -6.54 -18.88 2.69
CA VAL A 280 -7.63 -19.11 1.75
C VAL A 280 -8.98 -19.04 2.45
N LYS A 281 -9.05 -19.64 3.64
CA LYS A 281 -10.28 -19.60 4.44
C LYS A 281 -10.66 -18.18 4.89
N LYS A 282 -9.67 -17.45 5.39
CA LYS A 282 -9.85 -16.09 5.89
C LYS A 282 -10.37 -15.14 4.81
N SER A 283 -9.89 -15.36 3.60
CA SER A 283 -10.24 -14.53 2.46
C SER A 283 -11.65 -14.81 1.94
N PRO B 8 9.77 -23.13 -30.17
CA PRO B 8 10.39 -23.89 -29.08
C PRO B 8 11.36 -23.01 -28.31
N THR B 9 12.62 -23.01 -28.72
CA THR B 9 13.66 -22.26 -28.03
C THR B 9 14.58 -21.67 -29.10
N GLU B 10 14.78 -20.36 -29.03
CA GLU B 10 15.55 -19.61 -30.01
C GLU B 10 16.04 -18.33 -29.34
N GLU B 11 17.23 -17.86 -29.76
CA GLU B 11 17.80 -16.64 -29.19
C GLU B 11 17.29 -15.37 -29.87
N VAL B 12 16.86 -14.41 -29.05
CA VAL B 12 16.28 -13.17 -29.55
C VAL B 12 16.82 -11.93 -28.83
N SER B 13 16.55 -10.79 -29.44
CA SER B 13 16.87 -9.47 -28.91
C SER B 13 15.63 -8.84 -28.27
N LEU B 14 15.79 -8.34 -27.05
CA LEU B 14 14.70 -7.70 -26.30
C LEU B 14 15.02 -6.27 -25.91
N GLU B 15 14.08 -5.38 -26.21
CA GLU B 15 14.19 -3.99 -25.80
C GLU B 15 13.58 -3.79 -24.42
N VAL B 16 14.39 -3.24 -23.53
CA VAL B 16 13.93 -2.82 -22.22
C VAL B 16 14.17 -1.33 -22.17
N LEU B 17 13.18 -0.53 -21.77
CA LEU B 17 13.45 0.89 -21.80
C LEU B 17 13.84 1.30 -20.41
N LEU B 18 14.74 2.26 -20.30
CA LEU B 18 14.92 2.95 -19.04
C LEU B 18 13.85 4.01 -18.90
N SER B 19 13.75 4.58 -17.71
CA SER B 19 12.73 5.57 -17.42
C SER B 19 12.74 6.81 -18.32
N ASN B 20 13.91 7.17 -18.85
CA ASN B 20 14.00 8.38 -19.66
C ASN B 20 13.83 8.07 -21.14
N GLY B 21 13.55 6.80 -21.38
CA GLY B 21 13.30 6.28 -22.71
C GLY B 21 14.57 5.78 -23.38
N GLN B 22 15.72 5.92 -22.73
CA GLN B 22 16.94 5.37 -23.30
C GLN B 22 16.77 3.85 -23.34
N LYS B 23 17.18 3.26 -24.45
CA LYS B 23 16.98 1.83 -24.72
C LYS B 23 18.14 0.94 -24.31
N VAL B 24 17.80 -0.15 -23.61
CA VAL B 24 18.78 -1.17 -23.28
C VAL B 24 18.33 -2.45 -23.94
N LEU B 25 19.16 -2.89 -24.88
CA LEU B 25 18.92 -4.07 -25.68
C LEU B 25 19.68 -5.27 -25.13
N VAL B 26 18.96 -6.36 -24.86
CA VAL B 26 19.64 -7.54 -24.34
C VAL B 26 19.35 -8.78 -25.18
N ASN B 27 20.31 -9.68 -25.26
CA ASN B 27 20.08 -10.96 -25.90
C ASN B 27 19.70 -12.06 -24.91
N VAL B 28 18.52 -12.62 -25.12
CA VAL B 28 17.96 -13.65 -24.24
C VAL B 28 17.34 -14.74 -25.08
N LEU B 29 16.84 -15.78 -24.45
CA LEU B 29 16.11 -16.83 -25.15
C LEU B 29 14.61 -16.57 -25.08
N THR B 30 13.88 -16.99 -26.10
CA THR B 30 12.43 -16.88 -26.09
C THR B 30 11.88 -17.59 -24.87
N SER B 31 12.57 -18.63 -24.41
CA SER B 31 12.07 -19.41 -23.29
C SER B 31 12.66 -18.93 -21.97
N ASP B 32 13.41 -17.83 -22.01
CA ASP B 32 13.93 -17.22 -20.80
C ASP B 32 12.76 -16.61 -20.05
N GLN B 33 12.75 -16.79 -18.73
CA GLN B 33 11.72 -16.19 -17.90
C GLN B 33 12.13 -14.80 -17.42
N THR B 34 11.22 -14.13 -16.71
CA THR B 34 11.39 -12.74 -16.31
C THR B 34 12.72 -12.46 -15.62
N GLU B 35 13.07 -13.31 -14.67
CA GLU B 35 14.27 -13.13 -13.87
C GLU B 35 15.53 -13.20 -14.74
N ASP B 36 15.49 -14.08 -15.74
CA ASP B 36 16.59 -14.24 -16.68
C ASP B 36 16.82 -12.95 -17.47
N VAL B 37 15.72 -12.35 -17.93
CA VAL B 37 15.80 -11.11 -18.69
C VAL B 37 16.33 -10.00 -17.80
N LEU B 38 15.83 -9.97 -16.57
CA LEU B 38 16.27 -8.96 -15.61
C LEU B 38 17.78 -9.07 -15.41
N GLU B 39 18.26 -10.31 -15.25
CA GLU B 39 19.69 -10.55 -15.09
C GLU B 39 20.54 -10.17 -16.30
N ALA B 40 19.99 -10.39 -17.50
CA ALA B 40 20.71 -10.01 -18.72
C ALA B 40 20.83 -8.51 -18.81
N VAL B 41 19.74 -7.83 -18.46
CA VAL B 41 19.71 -6.38 -18.42
C VAL B 41 20.71 -5.85 -17.39
N ALA B 42 20.70 -6.44 -16.19
CA ALA B 42 21.59 -6.01 -15.13
C ALA B 42 23.04 -6.16 -15.54
N ALA B 43 23.34 -7.28 -16.20
CA ALA B 43 24.66 -7.52 -16.74
C ALA B 43 25.02 -6.43 -17.76
N LYS B 44 24.08 -6.14 -18.64
CA LYS B 44 24.27 -5.15 -19.69
C LYS B 44 24.52 -3.73 -19.13
N LEU B 45 23.88 -3.40 -18.02
CA LEU B 45 24.01 -2.07 -17.41
C LEU B 45 25.17 -1.98 -16.44
N ASP B 46 25.79 -3.12 -16.12
CA ASP B 46 26.83 -3.24 -15.09
C ASP B 46 26.28 -2.93 -13.71
N LEU B 47 25.04 -3.33 -13.47
CA LEU B 47 24.45 -3.25 -12.14
C LEU B 47 24.87 -4.46 -11.31
N PRO B 48 25.37 -4.21 -10.09
CA PRO B 48 25.81 -5.27 -9.19
C PRO B 48 24.67 -6.21 -8.85
N ASP B 49 24.98 -7.49 -8.65
CA ASP B 49 23.99 -8.50 -8.33
C ASP B 49 23.15 -8.20 -7.08
N ASP B 50 23.79 -7.63 -6.06
CA ASP B 50 23.11 -7.40 -4.79
C ASP B 50 22.09 -6.27 -4.85
N LEU B 51 21.99 -5.64 -6.01
CA LEU B 51 21.00 -4.61 -6.22
C LEU B 51 19.89 -5.05 -7.17
N ILE B 52 20.00 -6.24 -7.76
CA ILE B 52 19.00 -6.67 -8.72
C ILE B 52 17.60 -6.70 -8.09
N GLY B 53 17.55 -7.09 -6.82
CA GLY B 53 16.31 -7.21 -6.10
C GLY B 53 15.63 -5.87 -5.85
N TYR B 54 16.35 -4.78 -6.10
CA TYR B 54 15.79 -3.45 -5.90
C TYR B 54 15.04 -2.97 -7.13
N PHE B 55 15.14 -3.72 -8.21
CA PHE B 55 14.53 -3.33 -9.48
C PHE B 55 13.70 -4.46 -10.05
N SER B 56 12.73 -4.08 -10.87
CA SER B 56 11.87 -5.03 -11.55
C SER B 56 11.64 -4.61 -12.99
N LEU B 57 11.08 -5.54 -13.75
CA LEU B 57 10.68 -5.26 -15.12
C LEU B 57 9.17 -5.08 -15.12
N PHE B 58 8.68 -4.11 -15.87
CA PHE B 58 7.26 -3.88 -15.95
C PHE B 58 6.87 -3.87 -17.40
N LEU B 59 5.69 -4.40 -17.67
CA LEU B 59 5.05 -4.26 -18.94
C LEU B 59 4.23 -3.00 -18.90
N VAL B 60 4.44 -2.13 -19.91
CA VAL B 60 3.69 -0.90 -19.98
C VAL B 60 3.15 -0.74 -21.40
N ARG B 61 2.10 0.05 -21.51
CA ARG B 61 1.57 0.52 -22.79
C ARG B 61 2.00 1.97 -23.04
N GLU B 62 2.59 2.23 -24.20
CA GLU B 62 2.97 3.60 -24.54
C GLU B 62 1.85 4.38 -25.23
N LYS B 63 1.53 5.54 -24.68
CA LYS B 63 0.47 6.39 -25.21
C LYS B 63 0.95 7.23 -26.37
N GLU B 64 -0.01 7.83 -27.07
CA GLU B 64 0.26 8.67 -28.22
C GLU B 64 1.30 9.73 -27.87
N ASP B 65 1.13 10.31 -26.69
CA ASP B 65 2.00 11.37 -26.21
C ASP B 65 3.36 10.94 -25.65
N GLY B 66 3.62 9.63 -25.65
CA GLY B 66 4.90 9.11 -25.21
C GLY B 66 4.92 8.74 -23.74
N ALA B 67 3.82 9.07 -23.06
CA ALA B 67 3.63 8.72 -21.66
C ALA B 67 3.33 7.24 -21.47
N PHE B 68 3.64 6.73 -20.28
CA PHE B 68 3.51 5.32 -20.01
C PHE B 68 2.33 5.05 -19.10
N SER B 69 1.51 4.09 -19.53
CA SER B 69 0.46 3.51 -18.72
C SER B 69 0.98 2.17 -18.24
N PHE B 70 1.12 2.00 -16.93
CA PHE B 70 1.74 0.78 -16.43
C PHE B 70 0.71 -0.34 -16.54
N VAL B 71 1.08 -1.45 -17.17
CA VAL B 71 0.11 -2.51 -17.32
C VAL B 71 0.25 -3.54 -16.21
N ARG B 72 1.46 -4.05 -16.02
CA ARG B 72 1.71 -4.98 -14.92
C ARG B 72 3.19 -5.15 -14.61
N LYS B 73 3.50 -5.67 -13.42
CA LYS B 73 4.86 -6.10 -13.13
C LYS B 73 4.96 -7.51 -13.68
N LEU B 74 6.02 -7.81 -14.42
CA LEU B 74 6.19 -9.13 -14.99
C LEU B 74 6.49 -10.12 -13.85
N GLN B 75 5.77 -11.23 -13.82
CA GLN B 75 5.96 -12.18 -12.74
C GLN B 75 7.06 -13.20 -13.08
N GLU B 76 7.49 -13.96 -12.06
CA GLU B 76 8.62 -14.89 -12.19
C GLU B 76 8.45 -15.93 -13.29
N PHE B 77 7.22 -16.37 -13.47
CA PHE B 77 6.92 -17.46 -14.40
C PHE B 77 6.78 -16.97 -15.82
N GLU B 78 6.75 -15.66 -16.02
CA GLU B 78 6.48 -15.12 -17.33
C GLU B 78 7.66 -15.21 -18.27
N LEU B 79 7.36 -15.28 -19.56
CA LEU B 79 8.36 -15.21 -20.60
C LEU B 79 8.20 -13.88 -21.26
N PRO B 80 9.06 -12.91 -20.90
CA PRO B 80 8.82 -11.54 -21.35
C PRO B 80 8.67 -11.40 -22.86
N TYR B 81 9.50 -12.10 -23.63
CA TYR B 81 9.36 -12.05 -25.08
C TYR B 81 7.96 -12.48 -25.54
N VAL B 82 7.48 -13.61 -25.04
CA VAL B 82 6.13 -14.07 -25.38
C VAL B 82 5.12 -13.09 -24.80
N SER B 83 5.28 -12.70 -23.54
CA SER B 83 4.39 -11.74 -22.90
C SER B 83 4.12 -10.52 -23.77
N VAL B 84 5.18 -9.95 -24.34
CA VAL B 84 5.01 -8.73 -25.14
C VAL B 84 4.60 -9.02 -26.59
N THR B 85 5.21 -10.04 -27.19
CA THR B 85 4.90 -10.37 -28.59
C THR B 85 3.48 -10.92 -28.77
N SER B 86 3.00 -11.68 -27.80
CA SER B 86 1.69 -12.32 -27.86
C SER B 86 0.52 -11.34 -27.83
N LEU B 87 0.82 -10.11 -27.44
CA LEU B 87 -0.18 -9.05 -27.35
C LEU B 87 -0.45 -8.51 -28.74
N ARG B 88 0.50 -8.82 -29.63
CA ARG B 88 0.42 -8.41 -31.02
C ARG B 88 0.19 -6.91 -31.17
N SER B 89 0.97 -6.14 -30.43
CA SER B 89 0.94 -4.71 -30.54
C SER B 89 2.30 -4.17 -30.15
N GLN B 90 2.87 -3.33 -31.00
CA GLN B 90 4.20 -2.80 -30.80
C GLN B 90 4.25 -1.71 -29.72
N GLU B 91 3.08 -1.31 -29.24
CA GLU B 91 2.96 -0.29 -28.21
C GLU B 91 3.33 -0.79 -26.82
N TYR B 92 3.33 -2.11 -26.62
CA TYR B 92 3.67 -2.59 -25.28
C TYR B 92 5.16 -2.76 -25.21
N LYS B 93 5.74 -2.34 -24.09
CA LYS B 93 7.18 -2.28 -23.96
C LYS B 93 7.53 -2.80 -22.58
N ILE B 94 8.77 -3.25 -22.44
CA ILE B 94 9.29 -3.58 -21.13
C ILE B 94 10.15 -2.45 -20.63
N VAL B 95 9.92 -2.08 -19.37
CA VAL B 95 10.58 -0.97 -18.71
C VAL B 95 11.26 -1.48 -17.45
N LEU B 96 12.46 -0.99 -17.17
CA LEU B 96 13.14 -1.32 -15.92
C LEU B 96 12.90 -0.20 -14.91
N ARG B 97 12.48 -0.57 -13.71
CA ARG B 97 12.20 0.45 -12.71
C ARG B 97 12.44 -0.04 -11.29
N LYS B 98 12.73 0.88 -10.37
CA LYS B 98 12.89 0.51 -8.97
C LYS B 98 11.60 -0.11 -8.47
N SER B 99 11.70 -1.08 -7.56
CA SER B 99 10.52 -1.83 -7.17
C SER B 99 10.31 -1.85 -5.66
N TYR B 100 10.90 -0.90 -4.96
CA TYR B 100 10.61 -0.77 -3.55
C TYR B 100 9.84 0.50 -3.28
N TRP B 101 9.34 0.62 -2.06
CA TRP B 101 8.44 1.70 -1.74
C TRP B 101 9.07 2.67 -0.74
N ASP B 102 9.73 2.11 0.27
CA ASP B 102 10.34 2.93 1.30
C ASP B 102 11.59 3.55 0.71
N SER B 103 11.65 4.88 0.72
CA SER B 103 12.76 5.61 0.14
C SER B 103 14.09 5.41 0.86
N ALA B 104 14.06 4.78 2.04
CA ALA B 104 15.29 4.46 2.75
C ALA B 104 16.22 3.57 1.92
N TYR B 105 15.61 2.72 1.11
CA TYR B 105 16.35 1.82 0.26
C TYR B 105 17.11 2.54 -0.85
N ASP B 106 16.71 3.78 -1.13
CA ASP B 106 17.44 4.60 -2.09
C ASP B 106 18.90 4.69 -1.68
N ASP B 107 19.14 4.67 -0.38
CA ASP B 107 20.51 4.80 0.10
C ASP B 107 21.40 3.70 -0.43
N ASP B 108 20.87 2.49 -0.45
CA ASP B 108 21.64 1.35 -0.94
C ASP B 108 21.89 1.53 -2.41
N VAL B 109 20.88 1.98 -3.12
CA VAL B 109 21.02 2.12 -4.55
C VAL B 109 22.03 3.23 -4.81
N MET B 110 22.00 4.28 -4.00
CA MET B 110 22.89 5.39 -4.33
C MET B 110 24.34 5.05 -3.94
N GLU B 111 24.55 3.93 -3.27
CA GLU B 111 25.92 3.53 -2.91
C GLU B 111 26.64 3.06 -4.17
N ASN B 112 25.88 2.73 -5.20
CA ASN B 112 26.44 2.30 -6.47
C ASN B 112 26.22 3.34 -7.56
N ARG B 113 27.24 3.54 -8.39
CA ARG B 113 27.22 4.55 -9.44
C ARG B 113 26.10 4.35 -10.46
N VAL B 114 25.92 3.09 -10.87
CA VAL B 114 24.91 2.74 -11.87
C VAL B 114 23.49 2.84 -11.31
N GLY B 115 23.35 2.40 -10.07
CA GLY B 115 22.12 2.52 -9.33
C GLY B 115 21.71 3.97 -9.20
N LEU B 116 22.67 4.79 -8.80
CA LEU B 116 22.43 6.21 -8.66
C LEU B 116 22.00 6.83 -9.98
N ASN B 117 22.68 6.49 -11.07
CA ASN B 117 22.27 6.98 -12.38
C ASN B 117 20.83 6.58 -12.75
N LEU B 118 20.46 5.34 -12.45
CA LEU B 118 19.11 4.86 -12.77
C LEU B 118 18.02 5.57 -11.96
N LEU B 119 18.27 5.70 -10.67
CA LEU B 119 17.32 6.36 -9.78
C LEU B 119 17.16 7.81 -10.21
N TYR B 120 18.29 8.41 -10.61
CA TYR B 120 18.30 9.78 -11.08
C TYR B 120 17.44 9.89 -12.33
N ALA B 121 17.67 8.99 -13.27
CA ALA B 121 16.92 8.98 -14.52
C ALA B 121 15.41 8.91 -14.26
N GLN B 122 14.99 8.00 -13.37
CA GLN B 122 13.56 7.84 -13.17
C GLN B 122 12.96 8.99 -12.37
N THR B 123 13.75 9.62 -11.51
CA THR B 123 13.23 10.76 -10.76
C THR B 123 13.02 11.95 -11.69
N VAL B 124 14.00 12.16 -12.56
CA VAL B 124 13.92 13.18 -13.58
C VAL B 124 12.68 12.97 -14.43
N SER B 125 12.46 11.72 -14.83
CA SER B 125 11.29 11.40 -15.62
C SER B 125 9.96 11.57 -14.87
N ASP B 126 9.94 11.20 -13.59
CA ASP B 126 8.76 11.38 -12.76
C ASP B 126 8.36 12.84 -12.67
N ILE B 127 9.37 13.71 -12.55
CA ILE B 127 9.12 15.15 -12.51
C ILE B 127 8.62 15.66 -13.85
N GLU B 128 9.32 15.24 -14.90
CA GLU B 128 9.03 15.63 -16.27
C GLU B 128 7.59 15.30 -16.69
N ARG B 129 7.07 14.19 -16.20
CA ARG B 129 5.73 13.74 -16.57
C ARG B 129 4.65 14.28 -15.64
N GLY B 130 5.06 15.12 -14.70
CA GLY B 130 4.16 15.79 -13.79
C GLY B 130 3.66 14.98 -12.62
N TRP B 131 4.33 13.87 -12.35
CA TRP B 131 4.02 13.06 -11.19
C TRP B 131 4.46 13.71 -9.88
N ILE B 132 5.63 14.33 -9.88
CA ILE B 132 6.03 15.12 -8.73
C ILE B 132 5.70 16.61 -8.86
N LEU B 133 5.08 17.12 -7.80
CA LEU B 133 4.51 18.46 -7.67
C LEU B 133 5.52 19.33 -6.94
N VAL B 134 6.14 20.31 -7.58
CA VAL B 134 7.03 21.17 -6.79
C VAL B 134 6.79 22.66 -6.87
N THR B 135 7.36 23.37 -5.90
CA THR B 135 7.28 24.82 -5.86
C THR B 135 8.31 25.50 -6.74
N LYS B 136 8.10 26.80 -6.97
CA LYS B 136 9.05 27.59 -7.76
C LYS B 136 10.49 27.60 -7.26
N GLU B 137 10.68 27.69 -5.96
CA GLU B 137 12.04 27.70 -5.40
C GLU B 137 12.66 26.33 -5.66
N GLN B 138 11.92 25.29 -5.30
CA GLN B 138 12.37 23.92 -5.52
C GLN B 138 12.69 23.73 -7.00
N HIS B 139 11.79 24.20 -7.87
CA HIS B 139 12.02 24.09 -9.31
C HIS B 139 13.32 24.78 -9.70
N ARG B 140 13.63 25.91 -9.07
CA ARG B 140 14.88 26.57 -9.36
C ARG B 140 16.11 25.74 -9.04
N GLN B 141 16.11 25.23 -7.80
CA GLN B 141 17.22 24.41 -7.35
C GLN B 141 17.35 23.19 -8.23
N LEU B 142 16.22 22.54 -8.47
CA LEU B 142 16.22 21.31 -9.23
C LEU B 142 16.83 21.58 -10.59
N LYS B 143 16.33 22.63 -11.26
CA LYS B 143 16.88 22.99 -12.56
C LYS B 143 18.36 23.32 -12.49
N SER B 144 18.86 23.79 -11.35
CA SER B 144 20.30 24.01 -11.25
C SER B 144 21.12 22.74 -11.07
N LEU B 145 20.79 21.94 -10.07
CA LEU B 145 21.51 20.68 -9.85
C LEU B 145 21.48 19.80 -11.10
N GLN B 146 20.34 19.82 -11.80
CA GLN B 146 20.16 19.06 -13.04
C GLN B 146 21.27 19.37 -14.05
N GLU B 147 21.62 20.65 -14.15
CA GLU B 147 22.69 21.16 -15.02
C GLU B 147 24.02 20.80 -14.39
N LYS B 148 24.03 20.70 -13.07
CA LYS B 148 25.23 20.65 -12.25
C LYS B 148 25.58 19.17 -12.03
N VAL B 149 24.55 18.33 -12.23
CA VAL B 149 24.57 16.87 -12.09
C VAL B 149 25.27 16.26 -10.87
N SER B 150 25.07 16.88 -9.72
CA SER B 150 25.60 16.33 -8.48
C SER B 150 24.90 14.99 -8.27
N LYS B 151 23.63 15.01 -8.66
CA LYS B 151 22.71 13.88 -8.71
C LYS B 151 22.41 13.29 -7.35
N LYS B 152 23.42 13.17 -6.50
CA LYS B 152 23.14 12.65 -5.18
C LYS B 152 22.26 13.68 -4.50
N GLU B 153 22.71 14.94 -4.58
CA GLU B 153 22.02 16.10 -4.00
C GLU B 153 20.67 16.33 -4.65
N PHE B 154 20.62 16.09 -5.96
CA PHE B 154 19.38 16.23 -6.71
C PHE B 154 18.36 15.24 -6.15
N LEU B 155 18.81 14.01 -5.94
CA LEU B 155 17.95 12.96 -5.41
C LEU B 155 17.53 13.31 -3.97
N ARG B 156 18.48 13.81 -3.18
CA ARG B 156 18.22 14.20 -1.80
C ARG B 156 17.18 15.29 -1.70
N LEU B 157 17.21 16.22 -2.63
CA LEU B 157 16.16 17.22 -2.69
C LEU B 157 14.84 16.55 -3.06
N ALA B 158 14.91 15.72 -4.11
CA ALA B 158 13.74 15.04 -4.63
C ALA B 158 12.98 14.19 -3.62
N GLN B 159 13.70 13.58 -2.70
CA GLN B 159 13.11 12.71 -1.69
C GLN B 159 12.08 13.41 -0.81
N THR B 160 12.19 14.74 -0.72
CA THR B 160 11.31 15.53 0.12
C THR B 160 10.10 16.11 -0.62
N LEU B 161 10.05 15.87 -1.92
CA LEU B 161 9.04 16.41 -2.80
C LEU B 161 7.72 15.63 -2.76
N ARG B 162 6.60 16.29 -3.05
CA ARG B 162 5.31 15.60 -3.02
C ARG B 162 5.17 14.41 -3.94
N HIS B 163 4.76 13.30 -3.36
CA HIS B 163 4.54 12.05 -4.08
C HIS B 163 5.80 11.42 -4.68
N TYR B 164 6.96 11.79 -4.17
CA TYR B 164 8.16 11.02 -4.47
C TYR B 164 7.98 9.58 -4.05
N GLY B 165 8.30 8.66 -4.94
CA GLY B 165 8.26 7.24 -4.64
C GLY B 165 6.87 6.65 -4.87
N TYR B 166 5.98 7.46 -5.41
CA TYR B 166 4.63 7.01 -5.70
C TYR B 166 4.53 6.63 -7.17
N LEU B 167 3.59 5.75 -7.47
CA LEU B 167 3.30 5.46 -8.86
C LEU B 167 1.96 6.09 -9.19
N ARG B 168 1.94 6.91 -10.21
CA ARG B 168 0.71 7.60 -10.59
C ARG B 168 0.02 6.80 -11.68
N PHE B 169 -1.30 6.74 -11.64
CA PHE B 169 -2.07 6.01 -12.64
C PHE B 169 -2.81 6.99 -13.56
N ASP B 170 -3.25 6.50 -14.71
CA ASP B 170 -4.05 7.32 -15.62
C ASP B 170 -5.30 7.75 -14.89
N ALA B 171 -5.79 8.95 -15.22
CA ALA B 171 -7.04 9.45 -14.65
C ALA B 171 -8.17 8.43 -14.82
N CYS B 172 -8.94 8.24 -13.75
CA CYS B 172 -10.04 7.30 -13.78
C CYS B 172 -11.22 7.76 -12.92
N VAL B 173 -12.00 6.80 -12.42
CA VAL B 173 -13.14 7.10 -11.55
C VAL B 173 -13.21 6.16 -10.34
N ALA B 174 -13.92 6.58 -9.31
CA ALA B 174 -14.13 5.77 -8.12
C ALA B 174 -15.53 6.03 -7.57
N ASP B 175 -15.99 5.16 -6.70
CA ASP B 175 -17.32 5.34 -6.10
C ASP B 175 -17.31 5.97 -4.71
N VAL B 183 -10.54 10.95 -11.30
CA VAL B 183 -9.65 10.93 -10.15
C VAL B 183 -8.23 10.58 -10.57
N VAL B 184 -7.26 10.99 -9.78
CA VAL B 184 -5.91 10.46 -9.89
C VAL B 184 -5.55 9.64 -8.67
N VAL B 185 -5.20 8.38 -8.92
CA VAL B 185 -4.84 7.44 -7.88
C VAL B 185 -3.33 7.35 -7.87
N SER B 186 -2.73 7.31 -6.69
CA SER B 186 -1.30 7.06 -6.59
C SER B 186 -0.94 6.07 -5.49
N ALA B 187 0.03 5.20 -5.75
CA ALA B 187 0.39 4.23 -4.74
C ALA B 187 1.81 4.51 -4.27
N GLY B 188 1.98 4.54 -2.95
CA GLY B 188 3.28 4.72 -2.32
C GLY B 188 3.13 4.88 -0.83
N ASN B 189 4.24 4.77 -0.10
CA ASN B 189 4.30 5.01 1.34
C ASN B 189 3.17 4.25 2.09
N SER B 190 2.95 3.02 1.66
CA SER B 190 1.97 2.15 2.29
C SER B 190 0.55 2.73 2.28
N GLU B 191 0.18 3.42 1.20
CA GLU B 191 -1.17 3.95 1.08
C GLU B 191 -1.60 4.13 -0.37
N LEU B 192 -2.89 4.36 -0.58
CA LEU B 192 -3.34 4.83 -1.86
C LEU B 192 -3.76 6.28 -1.62
N SER B 193 -3.22 7.20 -2.42
CA SER B 193 -3.60 8.60 -2.34
C SER B 193 -4.59 8.87 -3.46
N LEU B 194 -5.74 9.46 -3.12
CA LEU B 194 -6.69 9.82 -4.15
C LEU B 194 -6.92 11.31 -4.27
N GLN B 195 -6.43 11.89 -5.37
CA GLN B 195 -6.64 13.31 -5.64
C GLN B 195 -7.77 13.48 -6.66
N LEU B 196 -8.87 14.12 -6.29
CA LEU B 196 -10.04 14.13 -7.17
C LEU B 196 -10.00 15.36 -8.07
N GLU B 205 -9.14 15.25 -1.00
CA GLU B 205 -8.30 14.06 -1.12
C GLU B 205 -8.55 13.01 -0.07
N GLY B 206 -8.33 11.77 -0.46
CA GLY B 206 -8.37 10.66 0.46
C GLY B 206 -7.10 9.83 0.43
N SER B 207 -6.75 9.32 1.62
CA SER B 207 -5.58 8.50 1.81
C SER B 207 -5.97 7.19 2.48
N PHE B 208 -5.82 6.08 1.78
CA PHE B 208 -6.28 4.80 2.28
C PHE B 208 -5.10 3.95 2.64
N ARG B 209 -4.91 3.77 3.94
CA ARG B 209 -3.75 3.09 4.49
C ARG B 209 -3.92 1.61 4.19
N VAL B 210 -2.85 0.99 3.72
CA VAL B 210 -2.84 -0.44 3.45
C VAL B 210 -3.25 -1.27 4.67
N THR B 211 -2.78 -0.88 5.85
CA THR B 211 -3.09 -1.59 7.08
C THR B 211 -4.56 -1.49 7.46
N ARG B 212 -5.29 -0.61 6.80
CA ARG B 212 -6.73 -0.51 7.05
C ARG B 212 -7.57 -1.18 5.96
N MET B 213 -6.90 -1.92 5.07
CA MET B 213 -7.58 -2.71 4.05
C MET B 213 -7.64 -4.15 4.53
N ARG B 214 -8.83 -4.69 4.78
CA ARG B 214 -8.92 -6.05 5.26
C ARG B 214 -8.55 -7.01 4.13
N CYS B 215 -9.01 -6.69 2.93
CA CYS B 215 -8.65 -7.45 1.75
C CYS B 215 -8.88 -6.61 0.50
N TRP B 216 -8.47 -7.11 -0.67
CA TRP B 216 -8.90 -6.46 -1.90
C TRP B 216 -9.18 -7.44 -3.03
N ARG B 217 -9.90 -6.95 -4.03
CA ARG B 217 -10.39 -7.77 -5.12
C ARG B 217 -10.34 -7.00 -6.44
N VAL B 218 -9.92 -7.63 -7.54
CA VAL B 218 -10.00 -6.93 -8.83
C VAL B 218 -11.13 -7.66 -9.57
N THR B 219 -12.08 -6.84 -10.03
CA THR B 219 -13.33 -7.24 -10.71
C THR B 219 -13.64 -6.57 -12.03
N SER B 220 -14.40 -7.27 -12.88
CA SER B 220 -14.77 -6.67 -14.14
C SER B 220 -16.25 -6.94 -14.34
N SER B 221 -16.94 -5.97 -14.92
CA SER B 221 -18.30 -6.10 -15.42
C SER B 221 -18.44 -6.91 -16.69
N VAL B 222 -19.67 -7.29 -17.00
CA VAL B 222 -19.97 -7.82 -18.32
C VAL B 222 -20.95 -6.84 -18.97
N PRO B 223 -21.05 -6.83 -20.32
CA PRO B 223 -22.09 -5.97 -20.90
C PRO B 223 -23.46 -6.57 -20.58
N LEU B 224 -24.54 -5.81 -20.74
CA LEU B 224 -25.92 -6.26 -20.49
C LEU B 224 -26.07 -7.53 -19.66
N VAL B 239 -13.86 -4.02 -21.75
CA VAL B 239 -14.18 -4.37 -20.37
C VAL B 239 -13.80 -3.25 -19.40
N ARG B 240 -14.68 -3.06 -18.42
CA ARG B 240 -14.53 -2.13 -17.31
C ARG B 240 -13.95 -2.85 -16.11
N LEU B 241 -12.75 -2.45 -15.68
CA LEU B 241 -12.10 -3.14 -14.58
C LEU B 241 -12.11 -2.23 -13.36
N GLU B 242 -12.30 -2.88 -12.23
CA GLU B 242 -12.33 -2.28 -10.91
C GLU B 242 -11.45 -3.00 -9.90
N LEU B 243 -10.86 -2.21 -9.00
CA LEU B 243 -10.24 -2.76 -7.82
C LEU B 243 -11.06 -2.31 -6.64
N ALA B 244 -11.54 -3.28 -5.87
CA ALA B 244 -12.34 -2.96 -4.70
C ALA B 244 -11.65 -3.52 -3.49
N PHE B 245 -11.56 -2.69 -2.45
CA PHE B 245 -11.00 -3.11 -1.17
C PHE B 245 -11.97 -2.86 -0.01
N GLU B 246 -11.94 -3.74 0.98
CA GLU B 246 -12.88 -3.65 2.09
C GLU B 246 -12.15 -2.92 3.20
N TYR B 247 -12.54 -1.67 3.43
CA TYR B 247 -11.76 -0.74 4.24
C TYR B 247 -12.34 -0.55 5.62
N LEU B 248 -11.47 -0.58 6.62
CA LEU B 248 -11.87 -0.29 8.00
C LEU B 248 -11.96 1.22 8.09
N MET B 249 -13.16 1.75 7.89
CA MET B 249 -13.35 3.19 7.86
C MET B 249 -13.23 3.78 9.26
N SER B 250 -13.62 2.97 10.24
CA SER B 250 -13.43 3.31 11.64
C SER B 250 -13.64 2.04 12.42
N LYS B 251 -13.56 2.13 13.74
CA LYS B 251 -13.63 0.93 14.58
C LYS B 251 -14.96 0.24 14.28
N ASP B 252 -14.88 -1.06 14.03
CA ASP B 252 -16.06 -1.87 13.71
C ASP B 252 -16.87 -1.38 12.50
N ARG B 253 -16.23 -0.66 11.59
CA ARG B 253 -16.93 -0.19 10.39
C ARG B 253 -16.16 -0.53 9.11
N LEU B 254 -16.60 -1.56 8.39
CA LEU B 254 -15.98 -1.92 7.12
C LEU B 254 -16.85 -1.40 5.97
N GLN B 255 -16.22 -0.84 4.95
CA GLN B 255 -16.95 -0.29 3.82
C GLN B 255 -16.17 -0.64 2.57
N TRP B 256 -16.84 -1.18 1.56
CA TRP B 256 -16.14 -1.46 0.32
C TRP B 256 -15.94 -0.17 -0.44
N VAL B 257 -14.71 0.06 -0.87
CA VAL B 257 -14.39 1.16 -1.75
C VAL B 257 -13.94 0.62 -3.09
N THR B 258 -14.55 1.14 -4.15
CA THR B 258 -14.29 0.63 -5.48
C THR B 258 -13.69 1.72 -6.37
N ILE B 259 -12.53 1.44 -6.92
CA ILE B 259 -11.89 2.36 -7.86
C ILE B 259 -12.02 1.70 -9.21
N THR B 260 -12.56 2.42 -10.20
CA THR B 260 -12.67 1.88 -11.55
C THR B 260 -11.56 2.39 -12.45
N SER B 261 -10.67 1.50 -12.85
CA SER B 261 -9.46 1.90 -13.55
C SER B 261 -8.96 0.71 -14.36
N PRO B 262 -8.58 0.96 -15.63
CA PRO B 262 -7.96 -0.05 -16.49
C PRO B 262 -6.67 -0.58 -15.91
N GLN B 263 -6.10 0.16 -14.97
CA GLN B 263 -4.90 -0.29 -14.29
C GLN B 263 -5.21 -0.90 -12.92
N ALA B 264 -6.45 -1.36 -12.75
CA ALA B 264 -6.87 -1.98 -11.49
C ALA B 264 -5.93 -3.09 -11.05
N ILE B 265 -5.49 -3.87 -12.04
CA ILE B 265 -4.59 -4.98 -11.79
C ILE B 265 -3.23 -4.49 -11.32
N MET B 266 -2.75 -3.41 -11.95
CA MET B 266 -1.50 -2.79 -11.54
C MET B 266 -1.60 -2.27 -10.11
N MET B 267 -2.75 -1.69 -9.78
CA MET B 267 -3.01 -1.23 -8.41
C MET B 267 -2.95 -2.39 -7.43
N SER B 268 -3.59 -3.50 -7.79
CA SER B 268 -3.58 -4.68 -6.94
C SER B 268 -2.16 -5.16 -6.72
N ILE B 269 -1.37 -5.16 -7.79
CA ILE B 269 0.03 -5.56 -7.71
C ILE B 269 0.76 -4.65 -6.73
N CYS B 270 0.46 -3.35 -6.80
CA CYS B 270 1.07 -2.40 -5.89
C CYS B 270 0.67 -2.62 -4.44
N LEU B 271 -0.61 -2.91 -4.19
CA LEU B 271 -1.06 -3.19 -2.84
C LEU B 271 -0.33 -4.40 -2.28
N GLN B 272 -0.24 -5.45 -3.09
CA GLN B 272 0.46 -6.67 -2.68
C GLN B 272 1.94 -6.37 -2.40
N SER B 273 2.56 -5.58 -3.28
CA SER B 273 3.97 -5.27 -3.15
C SER B 273 4.26 -4.49 -1.88
N MET B 274 3.38 -3.54 -1.60
CA MET B 274 3.51 -2.72 -0.40
C MET B 274 3.31 -3.59 0.84
N VAL B 275 2.35 -4.51 0.78
CA VAL B 275 2.11 -5.41 1.89
C VAL B 275 3.31 -6.31 2.13
N ASP B 276 3.84 -6.87 1.05
CA ASP B 276 4.99 -7.75 1.13
C ASP B 276 6.15 -7.00 1.78
N GLU B 277 6.38 -5.76 1.35
CA GLU B 277 7.47 -4.98 1.89
C GLU B 277 7.29 -4.71 3.38
N LEU B 278 6.04 -4.42 3.76
CA LEU B 278 5.68 -4.24 5.16
C LEU B 278 5.94 -5.52 5.96
N MET B 279 5.64 -6.68 5.36
CA MET B 279 5.82 -7.97 6.02
C MET B 279 7.31 -8.21 6.24
N VAL B 280 8.10 -7.89 5.21
CA VAL B 280 9.55 -8.02 5.28
C VAL B 280 10.14 -7.12 6.37
N LYS B 281 9.63 -5.89 6.43
CA LYS B 281 10.02 -4.91 7.44
C LYS B 281 9.67 -5.39 8.85
N LYS B 282 8.46 -5.90 8.98
CA LYS B 282 7.88 -6.42 10.22
C LYS B 282 8.74 -7.55 10.80
N SER B 283 9.29 -8.37 9.91
CA SER B 283 10.10 -9.52 10.29
C SER B 283 11.50 -9.14 10.78
N PRO C 8 -10.38 60.42 20.07
CA PRO C 8 -10.58 61.71 19.40
C PRO C 8 -10.23 61.64 17.92
N THR C 9 -11.07 62.25 17.10
CA THR C 9 -10.94 62.24 15.64
C THR C 9 -9.84 63.14 15.06
N GLU C 10 -8.98 62.55 14.22
CA GLU C 10 -7.81 63.21 13.63
C GLU C 10 -7.46 62.45 12.34
N GLU C 11 -6.95 63.17 11.34
CA GLU C 11 -6.57 62.59 10.04
C GLU C 11 -5.17 61.98 9.92
N VAL C 12 -5.10 60.76 9.38
CA VAL C 12 -3.83 60.07 9.28
C VAL C 12 -3.63 59.43 7.90
N SER C 13 -2.39 59.06 7.64
CA SER C 13 -1.97 58.34 6.44
C SER C 13 -1.81 56.86 6.80
N LEU C 14 -2.40 55.98 6.00
CA LEU C 14 -2.33 54.54 6.26
C LEU C 14 -1.70 53.75 5.12
N GLU C 15 -0.72 52.92 5.47
CA GLU C 15 -0.11 52.02 4.50
C GLU C 15 -0.89 50.72 4.46
N VAL C 16 -1.32 50.35 3.27
CA VAL C 16 -1.94 49.07 3.00
C VAL C 16 -1.05 48.39 1.97
N LEU C 17 -0.66 47.14 2.18
CA LEU C 17 0.23 46.59 1.17
C LEU C 17 -0.58 45.77 0.19
N LEU C 18 -0.16 45.79 -1.08
CA LEU C 18 -0.63 44.81 -2.04
C LEU C 18 0.17 43.53 -1.91
N SER C 19 -0.30 42.48 -2.58
CA SER C 19 0.31 41.17 -2.50
C SER C 19 1.79 41.15 -2.93
N ASN C 20 2.18 42.06 -3.81
CA ASN C 20 3.55 42.05 -4.30
C ASN C 20 4.43 42.99 -3.49
N GLY C 21 3.83 43.55 -2.46
CA GLY C 21 4.50 44.43 -1.53
C GLY C 21 4.39 45.89 -1.95
N GLN C 22 3.79 46.14 -3.11
CA GLN C 22 3.60 47.52 -3.53
C GLN C 22 2.67 48.19 -2.52
N LYS C 23 3.02 49.41 -2.13
CA LYS C 23 2.32 50.14 -1.09
C LYS C 23 1.21 51.03 -1.64
N VAL C 24 0.03 50.94 -1.02
CA VAL C 24 -1.06 51.84 -1.33
C VAL C 24 -1.38 52.61 -0.05
N LEU C 25 -1.13 53.91 -0.13
CA LEU C 25 -1.28 54.87 0.94
C LEU C 25 -2.61 55.58 0.85
N VAL C 26 -3.41 55.55 1.91
CA VAL C 26 -4.68 56.26 1.85
C VAL C 26 -4.79 57.24 3.00
N ASN C 27 -5.48 58.35 2.77
CA ASN C 27 -5.77 59.28 3.85
C ASN C 27 -7.14 59.06 4.46
N VAL C 28 -7.16 58.76 5.76
CA VAL C 28 -8.41 58.48 6.46
C VAL C 28 -8.45 59.15 7.83
N LEU C 29 -9.57 59.00 8.53
CA LEU C 29 -9.70 59.49 9.91
C LEU C 29 -9.41 58.35 10.89
N THR C 30 -8.86 58.69 12.05
CA THR C 30 -8.64 57.72 13.13
C THR C 30 -9.91 56.99 13.53
N SER C 31 -11.05 57.66 13.41
CA SER C 31 -12.30 57.08 13.86
C SER C 31 -13.02 56.37 12.72
N ASP C 32 -12.35 56.30 11.57
CA ASP C 32 -12.86 55.55 10.43
C ASP C 32 -12.81 54.06 10.74
N GLN C 33 -13.86 53.33 10.39
CA GLN C 33 -13.89 51.89 10.58
C GLN C 33 -13.34 51.16 9.36
N THR C 34 -13.24 49.83 9.48
CA THR C 34 -12.62 48.99 8.47
C THR C 34 -13.17 49.27 7.08
N GLU C 35 -14.50 49.35 6.98
CA GLU C 35 -15.18 49.53 5.70
C GLU C 35 -14.83 50.87 5.05
N ASP C 36 -14.70 51.91 5.87
CA ASP C 36 -14.33 53.24 5.40
C ASP C 36 -12.95 53.20 4.77
N VAL C 37 -12.04 52.50 5.45
CA VAL C 37 -10.67 52.35 4.98
C VAL C 37 -10.66 51.55 3.68
N LEU C 38 -11.47 50.49 3.63
CA LEU C 38 -11.57 49.66 2.44
C LEU C 38 -12.01 50.48 1.23
N GLU C 39 -13.02 51.32 1.43
CA GLU C 39 -13.49 52.19 0.36
C GLU C 39 -12.40 53.16 -0.05
N ALA C 40 -11.61 53.63 0.91
CA ALA C 40 -10.52 54.55 0.57
C ALA C 40 -9.44 53.86 -0.29
N VAL C 41 -9.09 52.62 0.05
CA VAL C 41 -8.15 51.86 -0.74
C VAL C 41 -8.67 51.61 -2.16
N ALA C 42 -9.92 51.17 -2.24
CA ALA C 42 -10.54 50.86 -3.53
C ALA C 42 -10.59 52.10 -4.41
N ALA C 43 -10.93 53.22 -3.79
CA ALA C 43 -10.92 54.52 -4.45
C ALA C 43 -9.54 54.88 -4.99
N LYS C 44 -8.54 54.69 -4.15
CA LYS C 44 -7.16 55.00 -4.51
C LYS C 44 -6.71 54.16 -5.72
N LEU C 45 -7.18 52.93 -5.78
CA LEU C 45 -6.79 52.03 -6.85
C LEU C 45 -7.68 52.13 -8.10
N ASP C 46 -8.77 52.88 -7.97
CA ASP C 46 -9.80 52.98 -9.02
C ASP C 46 -10.50 51.63 -9.26
N LEU C 47 -10.68 50.87 -8.18
CA LEU C 47 -11.48 49.66 -8.23
C LEU C 47 -12.96 50.00 -8.08
N PRO C 48 -13.80 49.48 -8.98
CA PRO C 48 -15.24 49.74 -8.96
C PRO C 48 -15.86 49.27 -7.65
N ASP C 49 -16.89 49.98 -7.21
CA ASP C 49 -17.59 49.66 -5.96
C ASP C 49 -18.13 48.24 -5.86
N ASP C 50 -18.66 47.71 -6.98
CA ASP C 50 -19.29 46.39 -6.95
C ASP C 50 -18.33 45.24 -6.82
N LEU C 51 -17.03 45.55 -6.77
CA LEU C 51 -16.03 44.53 -6.55
C LEU C 51 -15.41 44.66 -5.17
N ILE C 52 -15.78 45.71 -4.44
CA ILE C 52 -15.18 45.95 -3.12
C ILE C 52 -15.43 44.75 -2.20
N GLY C 53 -16.61 44.15 -2.35
CA GLY C 53 -17.02 43.03 -1.53
C GLY C 53 -16.21 41.76 -1.77
N TYR C 54 -15.41 41.77 -2.83
CA TYR C 54 -14.58 40.61 -3.15
C TYR C 54 -13.25 40.66 -2.42
N PHE C 55 -12.99 41.76 -1.73
CA PHE C 55 -11.72 41.96 -1.04
C PHE C 55 -11.93 42.37 0.39
N SER C 56 -10.94 42.08 1.23
CA SER C 56 -10.96 42.45 2.62
C SER C 56 -9.58 42.95 3.03
N LEU C 57 -9.52 43.56 4.20
CA LEU C 57 -8.27 43.98 4.80
C LEU C 57 -7.90 42.98 5.88
N PHE C 58 -6.62 42.65 5.94
CA PHE C 58 -6.15 41.72 6.93
C PHE C 58 -5.01 42.34 7.70
N LEU C 59 -4.95 42.04 8.99
CA LEU C 59 -3.79 42.36 9.76
C LEU C 59 -2.85 41.19 9.65
N VAL C 60 -1.60 41.47 9.28
CA VAL C 60 -0.62 40.40 9.17
C VAL C 60 0.64 40.86 9.89
N ARG C 61 1.47 39.90 10.28
CA ARG C 61 2.81 40.20 10.74
C ARG C 61 3.80 39.88 9.64
N GLU C 62 4.62 40.87 9.28
CA GLU C 62 5.64 40.68 8.28
C GLU C 62 6.94 40.18 8.91
N LYS C 63 7.44 39.06 8.39
CA LYS C 63 8.67 38.46 8.90
C LYS C 63 9.91 39.11 8.36
N GLU C 64 11.05 38.78 8.96
CA GLU C 64 12.35 39.32 8.57
C GLU C 64 12.55 39.16 7.07
N ASP C 65 12.16 37.99 6.57
CA ASP C 65 12.35 37.64 5.17
C ASP C 65 11.32 38.23 4.20
N GLY C 66 10.38 39.00 4.73
CA GLY C 66 9.41 39.67 3.88
C GLY C 66 8.13 38.87 3.69
N ALA C 67 8.13 37.65 4.21
CA ALA C 67 6.93 36.82 4.16
C ALA C 67 5.87 37.31 5.13
N PHE C 68 4.62 36.98 4.83
CA PHE C 68 3.50 37.48 5.62
C PHE C 68 2.91 36.34 6.44
N SER C 69 2.74 36.58 7.73
CA SER C 69 1.99 35.70 8.62
C SER C 69 0.62 36.33 8.88
N PHE C 70 -0.45 35.66 8.47
CA PHE C 70 -1.76 36.29 8.56
C PHE C 70 -2.23 36.30 10.00
N VAL C 71 -2.59 37.47 10.53
CA VAL C 71 -3.00 37.47 11.93
C VAL C 71 -4.51 37.36 12.03
N ARG C 72 -5.23 38.24 11.34
CA ARG C 72 -6.70 38.15 11.33
C ARG C 72 -7.32 38.97 10.21
N LYS C 73 -8.57 38.68 9.86
CA LYS C 73 -9.32 39.58 8.98
C LYS C 73 -9.90 40.65 9.90
N LEU C 74 -9.75 41.90 9.50
CA LEU C 74 -10.27 43.02 10.30
C LEU C 74 -11.78 43.08 10.29
N GLN C 75 -12.40 43.18 11.46
CA GLN C 75 -13.87 43.19 11.55
C GLN C 75 -14.46 44.56 11.41
N GLU C 76 -15.78 44.60 11.23
CA GLU C 76 -16.53 45.82 10.97
C GLU C 76 -16.37 46.91 12.03
N PHE C 77 -16.24 46.51 13.29
CA PHE C 77 -16.20 47.48 14.36
C PHE C 77 -14.83 48.09 14.54
N GLU C 78 -13.83 47.53 13.87
CA GLU C 78 -12.49 48.01 14.12
C GLU C 78 -12.18 49.34 13.49
N LEU C 79 -11.26 50.05 14.13
CA LEU C 79 -10.70 51.28 13.61
C LEU C 79 -9.31 50.81 13.26
N PRO C 80 -9.06 50.55 11.97
CA PRO C 80 -7.81 49.90 11.58
C PRO C 80 -6.59 50.62 12.12
N TYR C 81 -6.57 51.95 12.08
CA TYR C 81 -5.45 52.69 12.64
C TYR C 81 -5.21 52.37 14.12
N VAL C 82 -6.28 52.41 14.92
CA VAL C 82 -6.15 52.07 16.34
C VAL C 82 -5.77 50.59 16.45
N SER C 83 -6.47 49.72 15.72
CA SER C 83 -6.17 48.30 15.71
C SER C 83 -4.68 48.01 15.56
N VAL C 84 -4.04 48.68 14.60
CA VAL C 84 -2.63 48.42 14.34
C VAL C 84 -1.67 49.20 15.26
N THR C 85 -1.97 50.46 15.53
CA THR C 85 -1.10 51.28 16.37
C THR C 85 -1.07 50.78 17.82
N SER C 86 -2.22 50.30 18.28
CA SER C 86 -2.38 49.83 19.66
C SER C 86 -1.56 48.58 19.96
N LEU C 87 -1.10 47.92 18.91
CA LEU C 87 -0.31 46.71 19.03
C LEU C 87 1.12 47.07 19.38
N ARG C 88 1.44 48.34 19.15
CA ARG C 88 2.75 48.90 19.41
C ARG C 88 3.88 48.10 18.81
N SER C 89 3.72 47.75 17.54
CA SER C 89 4.76 47.05 16.81
C SER C 89 4.62 47.39 15.34
N GLN C 90 5.74 47.82 14.76
CA GLN C 90 5.76 48.25 13.37
C GLN C 90 5.73 47.08 12.39
N GLU C 91 5.80 45.87 12.93
CA GLU C 91 5.77 44.63 12.16
C GLU C 91 4.39 44.27 11.66
N TYR C 92 3.36 44.84 12.27
CA TYR C 92 2.01 44.51 11.82
C TYR C 92 1.56 45.47 10.73
N LYS C 93 0.92 44.91 9.70
CA LYS C 93 0.59 45.66 8.50
C LYS C 93 -0.83 45.30 8.08
N ILE C 94 -1.46 46.19 7.31
CA ILE C 94 -2.72 45.84 6.68
C ILE C 94 -2.48 45.46 5.23
N VAL C 95 -3.10 44.36 4.81
CA VAL C 95 -2.93 43.82 3.47
C VAL C 95 -4.32 43.74 2.84
N LEU C 96 -4.41 44.07 1.56
CA LEU C 96 -5.68 43.92 0.87
C LEU C 96 -5.60 42.62 0.11
N ARG C 97 -6.63 41.79 0.25
CA ARG C 97 -6.62 40.50 -0.42
C ARG C 97 -8.04 40.05 -0.74
N LYS C 98 -8.18 39.20 -1.75
CA LYS C 98 -9.48 38.65 -2.09
C LYS C 98 -10.01 37.87 -0.90
N SER C 99 -11.33 37.88 -0.72
CA SER C 99 -11.90 37.30 0.48
C SER C 99 -12.99 36.28 0.23
N TYR C 100 -13.03 35.73 -0.97
CA TYR C 100 -13.93 34.64 -1.26
C TYR C 100 -13.14 33.37 -1.50
N TRP C 101 -13.84 32.24 -1.56
CA TRP C 101 -13.18 30.94 -1.62
C TRP C 101 -13.40 30.25 -2.96
N ASP C 102 -14.63 30.30 -3.46
CA ASP C 102 -14.92 29.61 -4.71
C ASP C 102 -14.30 30.45 -5.80
N SER C 103 -13.43 29.83 -6.57
CA SER C 103 -12.72 30.53 -7.62
C SER C 103 -13.64 31.00 -8.75
N ALA C 104 -14.89 30.54 -8.73
CA ALA C 104 -15.89 31.03 -9.68
C ALA C 104 -16.06 32.54 -9.61
N TYR C 105 -15.91 33.10 -8.42
CA TYR C 105 -16.07 34.54 -8.24
C TYR C 105 -14.94 35.32 -8.91
N ASP C 106 -13.85 34.63 -9.21
CA ASP C 106 -12.76 35.24 -9.97
C ASP C 106 -13.32 35.79 -11.27
N ASP C 107 -14.36 35.14 -11.79
CA ASP C 107 -14.97 35.54 -13.06
C ASP C 107 -15.48 36.96 -12.94
N ASP C 108 -16.06 37.28 -11.81
CA ASP C 108 -16.58 38.61 -11.57
C ASP C 108 -15.43 39.61 -11.49
N VAL C 109 -14.35 39.22 -10.81
CA VAL C 109 -13.20 40.10 -10.61
C VAL C 109 -12.39 40.39 -11.88
N MET C 110 -12.24 39.41 -12.74
CA MET C 110 -11.38 39.57 -13.91
C MET C 110 -12.03 40.41 -14.99
N GLU C 111 -13.30 40.76 -14.83
CA GLU C 111 -13.97 41.61 -15.81
C GLU C 111 -13.47 43.05 -15.71
N ASN C 112 -12.85 43.38 -14.59
CA ASN C 112 -12.30 44.71 -14.37
C ASN C 112 -10.78 44.67 -14.35
N ARG C 113 -10.15 45.66 -14.96
CA ARG C 113 -8.69 45.69 -15.07
C ARG C 113 -7.94 45.70 -13.74
N VAL C 114 -8.42 46.49 -12.77
CA VAL C 114 -7.74 46.59 -11.49
C VAL C 114 -7.90 45.31 -10.67
N GLY C 115 -9.10 44.74 -10.69
CA GLY C 115 -9.37 43.47 -10.05
C GLY C 115 -8.47 42.38 -10.60
N LEU C 116 -8.41 42.32 -11.92
CA LEU C 116 -7.57 41.36 -12.59
C LEU C 116 -6.09 41.55 -12.22
N ASN C 117 -5.62 42.79 -12.21
CA ASN C 117 -4.24 43.05 -11.80
C ASN C 117 -3.94 42.56 -10.38
N LEU C 118 -4.88 42.79 -9.47
CA LEU C 118 -4.71 42.38 -8.08
C LEU C 118 -4.70 40.85 -7.95
N LEU C 119 -5.61 40.20 -8.64
CA LEU C 119 -5.69 38.75 -8.62
C LEU C 119 -4.41 38.16 -9.17
N TYR C 120 -3.90 38.80 -10.21
CA TYR C 120 -2.65 38.38 -10.83
C TYR C 120 -1.52 38.49 -9.82
N ALA C 121 -1.44 39.64 -9.18
CA ALA C 121 -0.40 39.88 -8.19
C ALA C 121 -0.41 38.83 -7.08
N GLN C 122 -1.59 38.54 -6.52
CA GLN C 122 -1.63 37.61 -5.39
C GLN C 122 -1.43 36.15 -5.81
N THR C 123 -1.79 35.82 -7.04
CA THR C 123 -1.56 34.48 -7.52
C THR C 123 -0.07 34.27 -7.74
N VAL C 124 0.54 35.29 -8.32
CA VAL C 124 1.98 35.30 -8.52
C VAL C 124 2.69 35.13 -7.19
N SER C 125 2.23 35.86 -6.18
CA SER C 125 2.85 35.73 -4.86
C SER C 125 2.61 34.36 -4.22
N ASP C 126 1.41 33.80 -4.41
CA ASP C 126 1.09 32.47 -3.89
C ASP C 126 2.02 31.40 -4.48
N ILE C 127 2.32 31.56 -5.77
CA ILE C 127 3.24 30.66 -6.45
C ILE C 127 4.65 30.88 -5.92
N GLU C 128 5.04 32.14 -5.81
CA GLU C 128 6.36 32.55 -5.36
C GLU C 128 6.73 32.04 -3.98
N ARG C 129 5.75 32.00 -3.08
CA ARG C 129 5.97 31.56 -1.71
C ARG C 129 5.77 30.06 -1.51
N GLY C 130 5.48 29.37 -2.61
CA GLY C 130 5.35 27.92 -2.58
C GLY C 130 4.02 27.40 -2.07
N TRP C 131 3.05 28.29 -1.98
CA TRP C 131 1.71 27.89 -1.59
C TRP C 131 1.02 27.10 -2.70
N ILE C 132 1.22 27.52 -3.94
CA ILE C 132 0.75 26.71 -5.05
C ILE C 132 1.82 25.78 -5.63
N LEU C 133 1.41 24.54 -5.77
CA LEU C 133 2.20 23.37 -6.12
C LEU C 133 2.04 23.13 -7.63
N VAL C 134 3.07 23.32 -8.44
CA VAL C 134 2.88 23.00 -9.86
C VAL C 134 3.91 22.05 -10.45
N THR C 135 3.57 21.50 -11.61
CA THR C 135 4.45 20.61 -12.35
C THR C 135 5.44 21.37 -13.21
N LYS C 136 6.45 20.66 -13.69
CA LYS C 136 7.44 21.25 -14.57
C LYS C 136 6.87 21.91 -15.83
N GLU C 137 5.92 21.23 -16.45
CA GLU C 137 5.28 21.76 -17.65
C GLU C 137 4.48 23.00 -17.32
N GLN C 138 3.64 22.91 -16.29
CA GLN C 138 2.85 24.07 -15.86
C GLN C 138 3.80 25.21 -15.57
N HIS C 139 4.89 24.95 -14.85
CA HIS C 139 5.83 26.04 -14.58
C HIS C 139 6.38 26.67 -15.86
N ARG C 140 6.64 25.86 -16.87
CA ARG C 140 7.12 26.41 -18.12
C ARG C 140 6.08 27.34 -18.77
N GLN C 141 4.85 26.85 -18.90
CA GLN C 141 3.78 27.66 -19.49
C GLN C 141 3.57 28.93 -18.69
N LEU C 142 3.51 28.77 -17.37
CA LEU C 142 3.24 29.86 -16.46
C LEU C 142 4.31 30.90 -16.74
N LYS C 143 5.56 30.45 -16.78
CA LYS C 143 6.69 31.33 -17.06
C LYS C 143 6.56 32.03 -18.41
N SER C 144 5.87 31.42 -19.36
CA SER C 144 5.64 32.11 -20.63
C SER C 144 4.55 33.20 -20.56
N LEU C 145 3.36 32.83 -20.09
CA LEU C 145 2.28 33.80 -19.96
C LEU C 145 2.77 34.99 -19.12
N GLN C 146 3.59 34.66 -18.12
CA GLN C 146 4.19 35.63 -17.21
C GLN C 146 4.94 36.75 -17.95
N GLU C 147 5.69 36.38 -18.98
CA GLU C 147 6.44 37.36 -19.79
C GLU C 147 5.43 38.05 -20.68
N LYS C 148 4.36 37.36 -21.04
CA LYS C 148 3.50 37.86 -22.12
C LYS C 148 2.37 38.67 -21.47
N VAL C 149 2.16 38.43 -20.18
CA VAL C 149 1.14 39.07 -19.35
C VAL C 149 -0.27 39.22 -19.93
N SER C 150 -0.75 38.18 -20.59
CA SER C 150 -2.11 38.16 -21.09
C SER C 150 -2.99 38.25 -19.86
N LYS C 151 -2.49 37.62 -18.80
CA LYS C 151 -3.02 37.61 -17.44
C LYS C 151 -4.37 36.91 -17.30
N LYS C 152 -5.27 37.09 -18.25
CA LYS C 152 -6.55 36.39 -18.15
C LYS C 152 -6.23 34.90 -18.25
N GLU C 153 -5.42 34.57 -19.25
CA GLU C 153 -4.99 33.20 -19.50
C GLU C 153 -4.16 32.64 -18.37
N PHE C 154 -3.33 33.49 -17.78
CA PHE C 154 -2.51 33.09 -16.64
C PHE C 154 -3.40 32.70 -15.47
N LEU C 155 -4.42 33.51 -15.21
CA LEU C 155 -5.33 33.23 -14.10
C LEU C 155 -6.11 31.96 -14.41
N ARG C 156 -6.53 31.80 -15.66
CA ARG C 156 -7.25 30.60 -16.07
C ARG C 156 -6.45 29.34 -15.86
N LEU C 157 -5.16 29.42 -16.15
CA LEU C 157 -4.26 28.30 -15.86
C LEU C 157 -4.12 28.10 -14.36
N ALA C 158 -3.86 29.19 -13.65
CA ALA C 158 -3.66 29.10 -12.21
C ALA C 158 -4.80 28.47 -11.43
N GLN C 159 -6.03 28.72 -11.88
CA GLN C 159 -7.20 28.19 -11.20
C GLN C 159 -7.22 26.66 -11.14
N THR C 160 -6.50 26.04 -12.05
CA THR C 160 -6.47 24.58 -12.13
C THR C 160 -5.30 23.97 -11.37
N LEU C 161 -4.49 24.83 -10.80
CA LEU C 161 -3.26 24.47 -10.11
C LEU C 161 -3.54 24.02 -8.67
N ARG C 162 -2.69 23.17 -8.12
CA ARG C 162 -2.90 22.71 -6.75
C ARG C 162 -2.95 23.76 -5.66
N HIS C 163 -4.04 23.72 -4.90
CA HIS C 163 -4.25 24.63 -3.78
C HIS C 163 -4.44 26.08 -4.19
N TYR C 164 -4.80 26.32 -5.44
CA TYR C 164 -5.27 27.64 -5.81
C TYR C 164 -6.45 28.02 -4.95
N GLY C 165 -6.39 29.22 -4.38
CA GLY C 165 -7.46 29.76 -3.57
C GLY C 165 -7.39 29.32 -2.12
N TYR C 166 -6.30 28.65 -1.77
CA TYR C 166 -6.07 28.19 -0.40
C TYR C 166 -5.17 29.14 0.35
N LEU C 167 -5.31 29.17 1.67
CA LEU C 167 -4.38 29.91 2.53
C LEU C 167 -3.47 28.98 3.31
N ARG C 168 -2.16 29.18 3.18
CA ARG C 168 -1.21 28.32 3.88
C ARG C 168 -0.81 29.01 5.17
N PHE C 169 -0.65 28.23 6.24
CA PHE C 169 -0.24 28.83 7.51
C PHE C 169 1.18 28.41 7.81
N ASP C 170 1.84 29.15 8.70
CA ASP C 170 3.17 28.79 9.14
C ASP C 170 3.12 27.42 9.79
N ALA C 171 4.20 26.66 9.64
CA ALA C 171 4.32 25.36 10.27
C ALA C 171 4.01 25.43 11.76
N CYS C 172 3.23 24.48 12.23
CA CYS C 172 2.85 24.45 13.64
C CYS C 172 2.73 22.99 14.09
N VAL C 173 1.90 22.71 15.08
CA VAL C 173 1.72 21.32 15.50
C VAL C 173 0.25 20.98 15.71
N ALA C 174 -0.07 19.70 15.65
CA ALA C 174 -1.42 19.21 15.88
C ALA C 174 -1.38 17.85 16.58
N ASP C 175 -2.51 17.43 17.14
CA ASP C 175 -2.57 16.12 17.80
C ASP C 175 -3.19 15.01 16.94
N PHE C 176 -3.36 15.29 15.65
CA PHE C 176 -3.73 14.27 14.67
C PHE C 176 -2.57 14.09 13.69
N PRO C 177 -2.15 12.84 13.46
CA PRO C 177 -2.68 11.57 13.97
C PRO C 177 -2.10 11.23 15.35
N GLU C 178 -0.95 11.80 15.68
CA GLU C 178 -0.33 11.62 16.98
C GLU C 178 -0.04 12.96 17.64
N LYS C 179 0.17 12.93 18.94
CA LYS C 179 0.48 14.14 19.71
C LYS C 179 1.70 14.86 19.14
N ASP C 180 1.64 16.19 19.13
CA ASP C 180 2.77 17.04 18.71
C ASP C 180 3.33 16.80 17.32
N CYS C 181 2.50 16.47 16.34
CA CYS C 181 3.00 16.31 14.98
C CYS C 181 3.20 17.68 14.34
N PRO C 182 4.39 17.93 13.77
CA PRO C 182 4.65 19.14 12.98
C PRO C 182 3.80 19.13 11.72
N VAL C 183 3.13 20.23 11.42
CA VAL C 183 2.23 20.27 10.27
C VAL C 183 2.21 21.60 9.54
N VAL C 184 1.82 21.54 8.27
CA VAL C 184 1.44 22.72 7.52
C VAL C 184 -0.06 22.59 7.23
N VAL C 185 -0.80 23.60 7.68
CA VAL C 185 -2.24 23.65 7.52
C VAL C 185 -2.58 24.58 6.37
N SER C 186 -3.55 24.19 5.55
CA SER C 186 -4.06 25.10 4.52
C SER C 186 -5.59 25.08 4.47
N ALA C 187 -6.19 26.25 4.28
CA ALA C 187 -7.65 26.31 4.26
C ALA C 187 -8.14 26.72 2.88
N GLY C 188 -9.13 25.99 2.38
CA GLY C 188 -9.77 26.32 1.12
C GLY C 188 -10.76 25.25 0.73
N ASN C 189 -11.61 25.57 -0.24
CA ASN C 189 -12.57 24.64 -0.83
C ASN C 189 -13.36 23.91 0.27
N SER C 190 -13.76 24.70 1.28
CA SER C 190 -14.58 24.20 2.38
C SER C 190 -13.96 23.07 3.20
N GLU C 191 -12.65 23.12 3.40
CA GLU C 191 -11.96 22.10 4.21
C GLU C 191 -10.69 22.61 4.85
N LEU C 192 -10.15 21.85 5.80
CA LEU C 192 -8.79 22.09 6.25
C LEU C 192 -7.92 20.97 5.75
N SER C 193 -6.83 21.31 5.06
CA SER C 193 -5.87 20.33 4.60
C SER C 193 -4.71 20.34 5.57
N LEU C 194 -4.36 19.16 6.07
CA LEU C 194 -3.22 19.03 6.96
C LEU C 194 -2.10 18.16 6.39
N GLN C 195 -0.98 18.79 6.04
CA GLN C 195 0.17 18.04 5.54
C GLN C 195 1.19 17.87 6.67
N LEU C 196 1.47 16.62 7.04
CA LEU C 196 2.27 16.33 8.23
C LEU C 196 3.74 16.19 7.90
N GLN C 202 6.67 8.95 3.87
CA GLN C 202 7.21 10.28 3.65
C GLN C 202 6.18 11.36 3.95
N LEU C 203 5.77 12.10 2.93
CA LEU C 203 4.79 13.16 3.10
C LEU C 203 3.36 12.64 3.12
N ARG C 204 2.63 12.99 4.17
CA ARG C 204 1.26 12.54 4.37
C ARG C 204 0.31 13.72 4.41
N GLU C 205 -0.95 13.50 4.05
CA GLU C 205 -1.92 14.59 4.04
C GLU C 205 -3.29 14.10 4.52
N GLY C 206 -4.00 15.02 5.16
CA GLY C 206 -5.37 14.89 5.61
C GLY C 206 -6.34 15.96 5.15
N SER C 207 -7.59 15.57 4.94
CA SER C 207 -8.61 16.51 4.50
C SER C 207 -9.84 16.51 5.40
N PHE C 208 -10.10 17.63 6.08
CA PHE C 208 -11.18 17.70 7.06
C PHE C 208 -12.29 18.57 6.51
N ARG C 209 -13.40 17.96 6.13
CA ARG C 209 -14.48 18.70 5.50
C ARG C 209 -15.15 19.54 6.56
N VAL C 210 -15.40 20.80 6.22
CA VAL C 210 -16.09 21.72 7.11
C VAL C 210 -17.46 21.20 7.55
N THR C 211 -18.17 20.56 6.63
CA THR C 211 -19.50 20.03 6.92
C THR C 211 -19.48 18.87 7.92
N ARG C 212 -18.30 18.32 8.18
CA ARG C 212 -18.20 17.27 9.19
C ARG C 212 -17.66 17.79 10.54
N MET C 213 -17.54 19.12 10.65
CA MET C 213 -17.15 19.78 11.91
C MET C 213 -18.39 20.29 12.64
N ARG C 214 -18.67 19.76 13.82
CA ARG C 214 -19.83 20.16 14.59
C ARG C 214 -19.68 21.59 15.14
N CYS C 215 -18.48 21.90 15.62
CA CYS C 215 -18.16 23.25 16.08
C CYS C 215 -16.64 23.45 16.15
N TRP C 216 -16.21 24.68 16.44
CA TRP C 216 -14.80 24.86 16.76
C TRP C 216 -14.64 25.93 17.86
N ARG C 217 -13.48 25.93 18.50
CA ARG C 217 -13.22 26.77 19.67
C ARG C 217 -11.77 27.26 19.64
N VAL C 218 -11.49 28.51 19.98
CA VAL C 218 -10.08 28.87 20.07
C VAL C 218 -9.77 28.99 21.57
N THR C 219 -8.73 28.25 21.94
CA THR C 219 -8.21 28.08 23.31
C THR C 219 -6.73 28.31 23.50
N SER C 220 -6.36 28.71 24.71
CA SER C 220 -4.97 28.92 25.01
C SER C 220 -4.73 28.28 26.36
N SER C 221 -3.54 27.70 26.54
CA SER C 221 -3.09 27.26 27.85
C SER C 221 -2.74 28.42 28.75
N VAL C 222 -3.48 28.57 29.85
CA VAL C 222 -3.05 29.48 30.90
C VAL C 222 -1.72 28.92 31.44
N PRO C 223 -0.89 29.75 32.08
CA PRO C 223 0.33 29.19 32.69
C PRO C 223 0.03 28.28 33.88
N LEU C 224 1.03 27.51 34.32
CA LEU C 224 0.88 26.63 35.47
C LEU C 224 1.25 27.37 36.75
N VAL C 239 2.50 33.24 24.20
CA VAL C 239 1.25 32.52 24.44
C VAL C 239 1.08 31.37 23.47
N ARG C 240 0.57 30.25 23.99
CA ARG C 240 0.25 29.08 23.19
C ARG C 240 -1.22 29.06 22.77
N LEU C 241 -1.49 29.16 21.47
CA LEU C 241 -2.87 29.21 21.02
C LEU C 241 -3.16 27.91 20.29
N GLU C 242 -4.38 27.43 20.51
CA GLU C 242 -4.89 26.23 19.87
C GLU C 242 -6.26 26.47 19.26
N LEU C 243 -6.49 25.82 18.12
CA LEU C 243 -7.81 25.69 17.54
C LEU C 243 -8.27 24.25 17.60
N ALA C 244 -9.43 24.02 18.22
CA ALA C 244 -9.91 22.65 18.29
C ALA C 244 -11.26 22.61 17.61
N PHE C 245 -11.44 21.61 16.76
CA PHE C 245 -12.71 21.39 16.11
C PHE C 245 -13.23 19.99 16.37
N GLU C 246 -14.54 19.86 16.50
CA GLU C 246 -15.14 18.58 16.87
C GLU C 246 -15.57 17.90 15.58
N TYR C 247 -14.83 16.86 15.18
CA TYR C 247 -14.98 16.32 13.84
C TYR C 247 -15.74 15.01 13.80
N LEU C 248 -16.66 14.91 12.85
CA LEU C 248 -17.41 13.69 12.59
C LEU C 248 -16.54 12.73 11.78
N MET C 249 -15.86 11.83 12.48
CA MET C 249 -14.90 10.91 11.86
C MET C 249 -15.59 9.82 11.05
N SER C 250 -16.78 9.44 11.49
CA SER C 250 -17.64 8.51 10.76
C SER C 250 -19.02 8.63 11.39
N LYS C 251 -19.98 7.85 10.92
CA LYS C 251 -21.35 8.00 11.40
C LYS C 251 -21.39 7.81 12.91
N ASP C 252 -22.02 8.77 13.60
CA ASP C 252 -22.13 8.72 15.06
C ASP C 252 -20.78 8.63 15.79
N ARG C 253 -19.70 9.11 15.18
CA ARG C 253 -18.40 9.07 15.87
C ARG C 253 -17.75 10.47 15.83
N LEU C 254 -17.81 11.20 16.95
CA LEU C 254 -17.17 12.52 17.05
C LEU C 254 -15.83 12.54 17.81
N GLN C 255 -14.84 13.26 17.29
CA GLN C 255 -13.53 13.30 17.93
C GLN C 255 -12.98 14.72 17.86
N TRP C 256 -12.50 15.28 18.99
CA TRP C 256 -11.91 16.62 18.94
C TRP C 256 -10.51 16.56 18.34
N VAL C 257 -10.24 17.44 17.37
CA VAL C 257 -8.91 17.62 16.82
C VAL C 257 -8.33 18.99 17.12
N THR C 258 -7.11 19.03 17.63
CA THR C 258 -6.49 20.28 18.06
C THR C 258 -5.21 20.64 17.30
N ILE C 259 -5.20 21.82 16.68
CA ILE C 259 -4.02 22.33 16.01
C ILE C 259 -3.47 23.46 16.86
N THR C 260 -2.19 23.40 17.20
CA THR C 260 -1.54 24.44 17.98
C THR C 260 -0.77 25.37 17.07
N SER C 261 -1.26 26.59 16.95
CA SER C 261 -0.76 27.56 15.99
C SER C 261 -1.06 28.98 16.45
N PRO C 262 -0.06 29.86 16.35
CA PRO C 262 -0.17 31.30 16.63
C PRO C 262 -1.22 31.96 15.76
N GLN C 263 -1.58 31.28 14.67
CA GLN C 263 -2.61 31.76 13.77
C GLN C 263 -3.95 31.07 13.99
N ALA C 264 -4.15 30.51 15.19
CA ALA C 264 -5.40 29.82 15.53
C ALA C 264 -6.66 30.65 15.28
N ILE C 265 -6.58 31.93 15.61
CA ILE C 265 -7.71 32.82 15.44
C ILE C 265 -8.02 33.00 13.98
N MET C 266 -6.96 33.15 13.18
CA MET C 266 -7.13 33.25 11.74
C MET C 266 -7.73 31.99 11.13
N MET C 267 -7.31 30.82 11.60
CA MET C 267 -7.89 29.56 11.14
C MET C 267 -9.39 29.51 11.44
N SER C 268 -9.75 29.87 12.67
CA SER C 268 -11.15 29.90 13.05
C SER C 268 -11.93 30.84 12.13
N ILE C 269 -11.32 32.00 11.86
CA ILE C 269 -11.93 33.00 10.99
C ILE C 269 -12.16 32.43 9.59
N CYS C 270 -11.19 31.66 9.10
CA CYS C 270 -11.29 31.02 7.80
C CYS C 270 -12.41 29.98 7.78
N LEU C 271 -12.52 29.18 8.85
CA LEU C 271 -13.60 28.20 8.96
C LEU C 271 -14.95 28.89 8.90
N GLN C 272 -15.09 29.96 9.66
CA GLN C 272 -16.33 30.72 9.69
C GLN C 272 -16.61 31.27 8.29
N SER C 273 -15.59 31.77 7.63
CA SER C 273 -15.72 32.38 6.30
C SER C 273 -16.18 31.37 5.25
N MET C 274 -15.62 30.17 5.32
CA MET C 274 -15.98 29.09 4.41
C MET C 274 -17.43 28.66 4.65
N VAL C 275 -17.81 28.61 5.93
CA VAL C 275 -19.16 28.24 6.28
C VAL C 275 -20.12 29.30 5.76
N ASP C 276 -19.77 30.56 5.98
CA ASP C 276 -20.56 31.70 5.54
C ASP C 276 -20.76 31.66 4.04
N GLU C 277 -19.69 31.39 3.30
CA GLU C 277 -19.77 31.34 1.84
C GLU C 277 -20.70 30.23 1.37
N LEU C 278 -20.60 29.09 2.04
CA LEU C 278 -21.51 27.97 1.79
C LEU C 278 -22.95 28.36 2.06
N MET C 279 -23.18 29.11 3.13
CA MET C 279 -24.54 29.53 3.48
C MET C 279 -25.08 30.44 2.41
N VAL C 280 -24.27 31.39 1.96
CA VAL C 280 -24.70 32.29 0.90
C VAL C 280 -25.02 31.52 -0.38
N LYS C 281 -24.15 30.58 -0.75
CA LYS C 281 -24.37 29.73 -1.93
C LYS C 281 -25.60 28.81 -1.93
N LYS C 282 -25.78 28.08 -0.83
CA LYS C 282 -26.88 27.14 -0.69
C LYS C 282 -28.25 27.78 -0.81
N SER C 283 -28.37 28.99 -0.28
CA SER C 283 -29.63 29.71 -0.29
C SER C 283 -29.96 30.28 -1.66
N THR D 9 16.37 -14.45 6.67
CA THR D 9 16.56 -15.70 7.37
C THR D 9 15.22 -16.41 7.60
N CYS D 10 14.66 -16.21 8.79
CA CYS D 10 13.40 -16.81 9.18
C CYS D 10 12.21 -16.13 8.51
N ILE D 11 11.39 -16.92 7.82
CA ILE D 11 10.24 -16.40 7.08
C ILE D 11 9.11 -15.99 8.02
N TYR D 12 8.64 -14.75 7.89
CA TYR D 12 7.62 -14.25 8.80
C TYR D 12 6.27 -14.87 8.53
N ASN D 13 5.53 -15.16 9.59
CA ASN D 13 4.23 -15.79 9.49
C ASN D 13 3.17 -14.71 9.37
N PRO D 14 2.53 -14.63 8.18
CA PRO D 14 1.56 -13.58 7.90
C PRO D 14 0.35 -13.57 8.83
N LEU D 15 0.02 -14.71 9.42
CA LEU D 15 -1.14 -14.83 10.29
C LEU D 15 -0.83 -14.55 11.75
N PHE D 16 0.44 -14.39 12.07
CA PHE D 16 0.88 -14.20 13.44
C PHE D 16 0.16 -13.08 14.18
N GLY D 17 -0.20 -13.37 15.42
CA GLY D 17 -0.90 -12.42 16.28
C GLY D 17 -2.39 -12.40 16.10
N SER D 18 -2.92 -13.28 15.26
CA SER D 18 -4.35 -13.36 15.04
C SER D 18 -4.72 -14.62 14.29
N THR E 9 -11.92 -15.59 -3.34
CA THR E 9 -12.46 -14.39 -3.95
C THR E 9 -11.56 -13.19 -3.68
N CYS E 10 -11.94 -12.39 -2.68
CA CYS E 10 -11.17 -11.23 -2.27
C CYS E 10 -9.95 -11.68 -1.46
N ILE E 11 -8.74 -11.36 -1.90
CA ILE E 11 -7.55 -11.85 -1.22
C ILE E 11 -7.28 -11.12 0.10
N TYR E 12 -7.13 -11.88 1.18
CA TYR E 12 -6.98 -11.31 2.52
C TYR E 12 -5.63 -10.66 2.82
N ASN E 13 -5.70 -9.52 3.50
CA ASN E 13 -4.53 -8.73 3.88
C ASN E 13 -4.04 -9.10 5.28
N PRO E 14 -2.87 -9.77 5.36
CA PRO E 14 -2.27 -10.21 6.62
C PRO E 14 -1.91 -9.06 7.56
N LEU E 15 -1.76 -7.87 7.01
CA LEU E 15 -1.36 -6.70 7.78
C LEU E 15 -2.51 -5.96 8.42
N PHE E 16 -3.73 -6.35 8.06
CA PHE E 16 -4.90 -5.65 8.58
C PHE E 16 -4.89 -5.66 10.11
N GLY E 17 -5.14 -4.50 10.71
CA GLY E 17 -5.12 -4.37 12.15
C GLY E 17 -3.72 -4.16 12.69
N THR F 9 -19.50 28.60 24.69
CA THR F 9 -18.08 28.58 24.33
C THR F 9 -17.87 28.40 22.83
N CYS F 10 -17.68 27.16 22.41
CA CYS F 10 -17.42 26.84 21.01
C CYS F 10 -18.64 27.02 20.12
N ILE F 11 -18.49 27.84 19.09
CA ILE F 11 -19.60 28.17 18.20
C ILE F 11 -19.92 27.01 17.26
N TYR F 12 -21.20 26.62 17.26
CA TYR F 12 -21.67 25.48 16.49
C TYR F 12 -21.84 25.74 14.99
N ASN F 13 -21.54 24.72 14.21
CA ASN F 13 -21.58 24.79 12.75
C ASN F 13 -22.95 24.45 12.20
N PRO F 14 -23.65 25.45 11.64
CA PRO F 14 -24.99 25.30 11.06
C PRO F 14 -25.00 24.36 9.86
N LEU F 15 -23.85 24.19 9.22
CA LEU F 15 -23.73 23.34 8.04
C LEU F 15 -23.45 21.90 8.40
N PHE F 16 -23.22 21.63 9.68
CA PHE F 16 -22.86 20.29 10.11
C PHE F 16 -23.90 19.28 9.62
N GLY F 17 -23.43 18.17 9.07
CA GLY F 17 -24.31 17.15 8.56
C GLY F 17 -24.78 17.46 7.15
#